data_4JXS
#
_entry.id   4JXS
#
_cell.length_a   118.430
_cell.length_b   76.711
_cell.length_c   97.559
_cell.angle_alpha   90.00
_cell.angle_beta   115.61
_cell.angle_gamma   90.00
#
_symmetry.space_group_name_H-M   'C 1 2 1'
#
loop_
_entity.id
_entity.type
_entity.pdbx_description
1 polymer Beta-lactamase
2 non-polymer 'PHOSPHATE ION'
3 non-polymer '3-[(4-carboxybenzyl)sulfamoyl]thiophene-2-carboxylic acid'
4 water water
#
_entity_poly.entity_id   1
_entity_poly.type   'polypeptide(L)'
_entity_poly.pdbx_seq_one_letter_code
;APQQINDIVHRTITPLIEQQKIPGMAVAVIYQGKPYYFTWGYADIAKKQPVTQQTLFELGSVSKTFTGVLGGDAIARGEI
KLSDPTTKYWPELTAKQWNGITLLHLATYTAGGLPLQVPDEVKSSSDLLRFYQNWQPAWAPGTQRLYANSSIGLFGALAV
KPSGLSFEQAMQTRVFQPLKLNHTWINVPPAEEKNYAWGYREGKAVHVSPGALDAEAYGVKSTIEDMARWVQSNLKPLDI
NEKTLQQGIQLAQSRYWQTGDMYQGLGWEMLDWPVNPDSIINGSDNKIALAARPVKAITPPTPAVRASWVHKTGATGGFG
SYVAFIPEKELGIVMLANKNYPNPARVDAAWQILNALQ
;
_entity_poly.pdbx_strand_id   A,B
#
loop_
_chem_comp.id
_chem_comp.type
_chem_comp.name
_chem_comp.formula
18U non-polymer '3-[(4-carboxybenzyl)sulfamoyl]thiophene-2-carboxylic acid' 'C13 H11 N O6 S2'
PO4 non-polymer 'PHOSPHATE ION' 'O4 P -3'
#
# COMPACT_ATOMS: atom_id res chain seq x y z
N ALA A 1 -19.40 -29.02 -11.46
CA ALA A 1 -18.11 -29.40 -12.13
C ALA A 1 -18.24 -29.42 -13.66
N PRO A 2 -18.06 -28.25 -14.32
CA PRO A 2 -18.16 -28.17 -15.79
C PRO A 2 -17.29 -29.24 -16.44
N GLN A 3 -17.76 -29.81 -17.53
CA GLN A 3 -16.98 -30.85 -18.23
C GLN A 3 -15.62 -30.33 -18.73
N GLN A 4 -15.56 -29.09 -19.20
CA GLN A 4 -14.29 -28.50 -19.62
C GLN A 4 -13.24 -28.61 -18.51
N ILE A 5 -13.64 -28.28 -17.26
CA ILE A 5 -12.71 -28.37 -16.13
C ILE A 5 -12.34 -29.80 -15.83
N ASN A 6 -13.33 -30.67 -15.64
CA ASN A 6 -13.05 -32.09 -15.44
C ASN A 6 -12.03 -32.56 -16.46
N ASP A 7 -12.31 -32.29 -17.74
CA ASP A 7 -11.47 -32.80 -18.83
C ASP A 7 -10.04 -32.30 -18.75
N ILE A 8 -9.85 -30.98 -18.65
CA ILE A 8 -8.45 -30.49 -18.63
C ILE A 8 -7.74 -30.97 -17.41
N VAL A 9 -8.41 -30.95 -16.26
CA VAL A 9 -7.75 -31.45 -15.05
C VAL A 9 -7.32 -32.88 -15.21
N HIS A 10 -8.27 -33.78 -15.46
CA HIS A 10 -7.90 -35.19 -15.53
C HIS A 10 -6.90 -35.49 -16.64
N ARG A 11 -7.06 -34.87 -17.80
CA ARG A 11 -6.11 -35.03 -18.91
C ARG A 11 -4.67 -34.57 -18.62
N THR A 12 -4.52 -33.62 -17.69
CA THR A 12 -3.20 -33.11 -17.32
C THR A 12 -2.64 -33.89 -16.12
N ILE A 13 -3.48 -34.15 -15.12
CA ILE A 13 -2.99 -34.76 -13.88
C ILE A 13 -2.70 -36.25 -13.94
N THR A 14 -3.56 -37.01 -14.61
CA THR A 14 -3.38 -38.45 -14.75
C THR A 14 -1.98 -38.85 -15.25
N PRO A 15 -1.52 -38.28 -16.40
CA PRO A 15 -0.16 -38.57 -16.84
C PRO A 15 0.92 -38.01 -15.92
N LEU A 16 0.66 -36.88 -15.27
CA LEU A 16 1.61 -36.36 -14.28
C LEU A 16 1.84 -37.39 -13.18
N ILE A 17 0.76 -37.94 -12.63
CA ILE A 17 0.82 -38.91 -11.55
C ILE A 17 1.53 -40.16 -12.03
N GLU A 18 1.22 -40.58 -13.26
CA GLU A 18 1.88 -41.71 -13.91
C GLU A 18 3.39 -41.48 -14.07
N GLN A 19 3.77 -40.39 -14.74
CA GLN A 19 5.17 -40.13 -15.01
C GLN A 19 6.01 -39.92 -13.74
N GLN A 20 5.41 -39.27 -12.72
CA GLN A 20 6.16 -38.88 -11.52
C GLN A 20 6.07 -39.89 -10.36
N LYS A 21 5.29 -40.95 -10.58
CA LYS A 21 4.95 -41.98 -9.56
C LYS A 21 4.49 -41.37 -8.22
N ILE A 22 3.52 -40.47 -8.32
CA ILE A 22 2.98 -39.85 -7.11
C ILE A 22 1.94 -40.77 -6.45
N PRO A 23 2.13 -41.12 -5.16
CA PRO A 23 1.19 -42.01 -4.47
C PRO A 23 -0.22 -41.44 -4.34
N GLY A 24 -0.31 -40.14 -4.07
CA GLY A 24 -1.57 -39.46 -3.82
C GLY A 24 -1.52 -37.99 -4.15
N MET A 25 -2.62 -37.44 -4.67
CA MET A 25 -2.69 -36.04 -5.05
C MET A 25 -4.10 -35.46 -4.89
N ALA A 26 -4.17 -34.19 -4.53
CA ALA A 26 -5.43 -33.45 -4.52
C ALA A 26 -5.22 -32.16 -5.28
N VAL A 27 -6.23 -31.77 -6.06
CA VAL A 27 -6.16 -30.55 -6.83
C VAL A 27 -7.47 -29.78 -6.62
N ALA A 28 -7.37 -28.45 -6.46
CA ALA A 28 -8.52 -27.56 -6.55
C ALA A 28 -8.29 -26.58 -7.68
N VAL A 29 -9.33 -26.35 -8.47
CA VAL A 29 -9.31 -25.27 -9.45
C VAL A 29 -10.35 -24.26 -8.99
N ILE A 30 -9.96 -22.98 -8.94
CA ILE A 30 -10.88 -21.88 -8.70
C ILE A 30 -11.19 -21.28 -10.07
N TYR A 31 -12.46 -21.31 -10.45
CA TYR A 31 -12.86 -20.90 -11.79
C TYR A 31 -14.04 -19.98 -11.59
N GLN A 32 -13.90 -18.77 -12.12
CA GLN A 32 -14.83 -17.70 -11.84
C GLN A 32 -15.14 -17.59 -10.34
N GLY A 33 -14.11 -17.79 -9.51
CA GLY A 33 -14.27 -17.63 -8.08
C GLY A 33 -14.76 -18.80 -7.26
N LYS A 34 -15.23 -19.87 -7.92
CA LYS A 34 -15.77 -21.07 -7.24
C LYS A 34 -14.79 -22.23 -7.33
N PRO A 35 -14.65 -23.02 -6.25
CA PRO A 35 -13.73 -24.16 -6.20
C PRO A 35 -14.30 -25.47 -6.72
N TYR A 36 -13.44 -26.20 -7.42
CA TYR A 36 -13.73 -27.56 -7.87
C TYR A 36 -12.61 -28.49 -7.44
N TYR A 37 -12.96 -29.64 -6.84
CA TYR A 37 -11.97 -30.51 -6.21
C TYR A 37 -11.80 -31.83 -6.93
N PHE A 38 -10.57 -32.33 -6.91
CA PHE A 38 -10.21 -33.59 -7.53
C PHE A 38 -9.22 -34.30 -6.62
N THR A 39 -9.36 -35.61 -6.47
CA THR A 39 -8.38 -36.39 -5.71
C THR A 39 -8.04 -37.73 -6.36
N TRP A 40 -6.85 -38.23 -6.08
CA TRP A 40 -6.37 -39.47 -6.67
C TRP A 40 -5.54 -40.20 -5.65
N GLY A 41 -5.59 -41.52 -5.65
CA GLY A 41 -4.51 -42.29 -5.02
C GLY A 41 -4.57 -42.30 -3.51
N TYR A 42 -3.39 -42.41 -2.88
CA TYR A 42 -3.28 -42.84 -1.49
C TYR A 42 -2.63 -41.82 -0.58
N ALA A 43 -3.30 -41.50 0.52
CA ALA A 43 -2.71 -40.73 1.61
C ALA A 43 -1.77 -41.62 2.44
N ASP A 44 -2.12 -42.90 2.55
CA ASP A 44 -1.31 -43.86 3.30
C ASP A 44 -1.36 -45.17 2.53
N ILE A 45 -0.26 -45.48 1.87
CA ILE A 45 -0.14 -46.70 1.06
C ILE A 45 -0.35 -47.96 1.88
N ALA A 46 0.38 -48.08 2.99
CA ALA A 46 0.33 -49.27 3.83
C ALA A 46 -1.07 -49.56 4.39
N LYS A 47 -1.76 -48.52 4.83
CA LYS A 47 -3.09 -48.67 5.41
C LYS A 47 -4.20 -48.47 4.37
N LYS A 48 -3.80 -48.37 3.10
CA LYS A 48 -4.73 -48.18 1.98
C LYS A 48 -5.76 -47.09 2.20
N GLN A 49 -5.33 -45.99 2.83
CA GLN A 49 -6.20 -44.82 3.05
C GLN A 49 -6.17 -43.91 1.81
N PRO A 50 -7.33 -43.61 1.20
CA PRO A 50 -7.37 -42.76 0.00
C PRO A 50 -7.11 -41.31 0.36
N VAL A 51 -6.62 -40.54 -0.61
CA VAL A 51 -6.72 -39.08 -0.53
C VAL A 51 -8.19 -38.65 -0.67
N THR A 52 -8.64 -37.77 0.22
CA THR A 52 -9.99 -37.20 0.16
C THR A 52 -9.83 -35.69 0.29
N GLN A 53 -10.94 -34.96 0.25
CA GLN A 53 -10.91 -33.49 0.40
C GLN A 53 -10.54 -33.06 1.82
N GLN A 54 -10.48 -34.03 2.73
CA GLN A 54 -10.10 -33.77 4.13
C GLN A 54 -8.67 -34.21 4.47
N THR A 55 -7.93 -34.70 3.50
CA THR A 55 -6.58 -35.19 3.75
C THR A 55 -5.67 -33.97 3.95
N LEU A 56 -4.83 -34.03 4.99
CA LEU A 56 -3.81 -33.02 5.28
C LEU A 56 -2.53 -33.38 4.60
N PHE A 57 -1.96 -32.39 3.91
CA PHE A 57 -0.67 -32.45 3.24
C PHE A 57 0.27 -31.43 3.86
N GLU A 58 1.56 -31.73 3.86
CA GLU A 58 2.55 -30.75 4.31
C GLU A 58 2.73 -29.79 3.15
N LEU A 59 2.57 -28.49 3.42
CA LEU A 59 2.71 -27.47 2.38
C LEU A 59 4.15 -27.11 2.08
N GLY A 60 5.07 -27.43 3.01
CA GLY A 60 6.46 -27.00 2.84
C GLY A 60 6.56 -25.48 2.65
N SER A 61 7.31 -25.04 1.64
CA SER A 61 7.50 -23.60 1.44
C SER A 61 6.27 -22.77 1.07
N VAL A 62 5.18 -23.39 0.64
CA VAL A 62 3.91 -22.65 0.50
C VAL A 62 3.53 -22.05 1.86
N SER A 63 4.04 -22.62 2.96
CA SER A 63 3.81 -22.00 4.28
C SER A 63 4.28 -20.57 4.34
N LYS A 64 5.28 -20.22 3.54
CA LYS A 64 5.79 -18.84 3.56
C LYS A 64 4.74 -17.81 3.15
N THR A 65 3.77 -18.22 2.33
CA THR A 65 2.70 -17.28 1.97
C THR A 65 1.84 -16.91 3.20
N PHE A 66 1.61 -17.88 4.08
CA PHE A 66 0.94 -17.59 5.34
C PHE A 66 1.73 -16.63 6.21
N THR A 67 3.04 -16.88 6.34
CA THR A 67 3.95 -16.00 7.12
C THR A 67 3.96 -14.59 6.53
N GLY A 68 4.03 -14.50 5.19
CA GLY A 68 4.02 -13.22 4.50
C GLY A 68 2.76 -12.41 4.78
N VAL A 69 1.61 -13.06 4.70
CA VAL A 69 0.29 -12.43 5.01
C VAL A 69 0.17 -12.11 6.51
N LEU A 70 0.59 -13.03 7.38
CA LEU A 70 0.64 -12.69 8.83
C LEU A 70 1.51 -11.44 9.12
N GLY A 71 2.65 -11.32 8.45
CA GLY A 71 3.52 -10.16 8.58
C GLY A 71 2.84 -8.93 8.03
N GLY A 72 2.16 -9.08 6.89
CA GLY A 72 1.39 -7.95 6.31
C GLY A 72 0.33 -7.47 7.28
N ASP A 73 -0.32 -8.40 7.94
CA ASP A 73 -1.41 -8.05 8.88
C ASP A 73 -0.80 -7.25 10.05
N ALA A 74 0.38 -7.64 10.51
CA ALA A 74 1.10 -6.91 11.56
C ALA A 74 1.48 -5.49 11.16
N ILE A 75 1.89 -5.30 9.92
CA ILE A 75 2.20 -3.96 9.39
C ILE A 75 0.92 -3.11 9.39
N ALA A 76 -0.15 -3.70 8.86
CA ALA A 76 -1.48 -3.05 8.82
C ALA A 76 -1.95 -2.67 10.24
N ARG A 77 -1.62 -3.50 11.23
CA ARG A 77 -1.98 -3.17 12.61
C ARG A 77 -1.12 -2.06 13.22
N GLY A 78 -0.09 -1.62 12.51
CA GLY A 78 0.90 -0.68 13.07
C GLY A 78 1.82 -1.30 14.13
N GLU A 79 1.89 -2.63 14.20
CA GLU A 79 2.78 -3.33 15.14
C GLU A 79 4.25 -3.33 14.70
N ILE A 80 4.49 -3.42 13.39
CA ILE A 80 5.84 -3.41 12.84
C ILE A 80 5.84 -2.59 11.56
N LYS A 81 7.01 -2.22 11.07
CA LYS A 81 7.18 -1.62 9.75
C LYS A 81 8.24 -2.43 9.02
N LEU A 82 8.09 -2.62 7.70
CA LEU A 82 9.14 -3.30 6.93
C LEU A 82 10.45 -2.51 6.86
N SER A 83 10.35 -1.20 7.13
CA SER A 83 11.50 -0.35 7.11
C SER A 83 12.26 -0.39 8.44
N ASP A 84 11.71 -1.05 9.47
CA ASP A 84 12.38 -1.18 10.78
C ASP A 84 13.64 -2.05 10.71
N PRO A 85 14.72 -1.62 11.39
CA PRO A 85 15.86 -2.53 11.57
C PRO A 85 15.51 -3.77 12.37
N THR A 86 16.14 -4.88 12.00
CA THR A 86 15.94 -6.15 12.67
C THR A 86 16.21 -5.97 14.17
N THR A 87 17.21 -5.15 14.50
CA THR A 87 17.59 -4.96 15.91
C THR A 87 16.54 -4.23 16.76
N LYS A 88 15.59 -3.55 16.12
CA LYS A 88 14.48 -2.96 16.88
C LYS A 88 13.68 -4.03 17.62
N TYR A 89 13.57 -5.22 17.02
CA TYR A 89 12.78 -6.31 17.61
C TYR A 89 13.59 -7.38 18.29
N TRP A 90 14.90 -7.42 18.02
CA TRP A 90 15.82 -8.33 18.67
C TRP A 90 17.08 -7.54 19.04
N PRO A 91 16.99 -6.70 20.10
CA PRO A 91 18.15 -5.86 20.40
C PRO A 91 19.41 -6.66 20.74
N GLU A 92 19.24 -7.91 21.18
CA GLU A 92 20.37 -8.81 21.48
C GLU A 92 21.23 -9.14 20.26
N LEU A 93 20.73 -8.86 19.05
CA LEU A 93 21.50 -9.00 17.83
C LEU A 93 22.44 -7.83 17.73
N THR A 94 23.61 -7.93 18.36
CA THR A 94 24.51 -6.78 18.43
C THR A 94 25.66 -6.82 17.42
N ALA A 95 25.82 -7.93 16.71
CA ALA A 95 26.92 -8.03 15.76
C ALA A 95 26.75 -6.96 14.68
N LYS A 96 27.89 -6.43 14.22
CA LYS A 96 27.93 -5.25 13.36
C LYS A 96 27.28 -5.43 11.99
N GLN A 97 27.27 -6.66 11.52
CA GLN A 97 26.65 -6.96 10.23
C GLN A 97 25.15 -6.67 10.20
N TRP A 98 24.50 -6.57 11.36
CA TRP A 98 23.04 -6.34 11.41
C TRP A 98 22.61 -4.90 11.20
N ASN A 99 23.56 -3.99 11.40
CA ASN A 99 23.35 -2.57 11.07
C ASN A 99 23.02 -2.40 9.59
N GLY A 100 21.76 -2.05 9.30
CA GLY A 100 21.31 -1.85 7.92
C GLY A 100 20.39 -2.96 7.41
N ILE A 101 20.25 -4.06 8.15
CA ILE A 101 19.34 -5.14 7.71
C ILE A 101 17.95 -4.94 8.30
N THR A 102 16.95 -4.72 7.44
CA THR A 102 15.60 -4.41 7.88
C THR A 102 14.67 -5.62 7.79
N LEU A 103 13.47 -5.51 8.36
CA LEU A 103 12.50 -6.60 8.22
C LEU A 103 12.16 -6.85 6.74
N LEU A 104 12.17 -5.80 5.91
CA LEU A 104 11.95 -6.02 4.47
C LEU A 104 12.98 -6.99 3.87
N HIS A 105 14.26 -6.76 4.18
CA HIS A 105 15.33 -7.68 3.74
C HIS A 105 15.10 -9.12 4.17
N LEU A 106 14.70 -9.33 5.44
CA LEU A 106 14.44 -10.67 5.92
C LEU A 106 13.30 -11.35 5.17
N ALA A 107 12.20 -10.61 5.00
CA ALA A 107 11.01 -11.16 4.32
C ALA A 107 11.24 -11.50 2.85
N THR A 108 12.21 -10.85 2.20
CA THR A 108 12.36 -10.98 0.75
C THR A 108 13.69 -11.63 0.32
N TYR A 109 14.39 -12.21 1.30
CA TYR A 109 15.64 -12.96 1.05
C TYR A 109 16.78 -12.06 0.56
N THR A 110 16.75 -10.79 0.93
CA THR A 110 17.77 -9.86 0.44
C THR A 110 18.69 -9.33 1.56
N ALA A 111 18.78 -10.05 2.68
CA ALA A 111 19.59 -9.55 3.82
C ALA A 111 21.09 -9.56 3.56
N GLY A 112 21.52 -10.39 2.60
CA GLY A 112 22.90 -10.44 2.20
C GLY A 112 23.46 -11.85 2.26
N GLY A 113 22.60 -12.84 2.02
CA GLY A 113 23.02 -14.23 1.90
C GLY A 113 22.86 -15.06 3.16
N LEU A 114 21.78 -14.87 3.90
CA LEU A 114 21.44 -15.77 5.00
C LEU A 114 21.24 -17.18 4.42
N PRO A 115 21.61 -18.24 5.18
CA PRO A 115 21.61 -19.60 4.60
C PRO A 115 20.25 -20.21 4.33
N LEU A 116 20.18 -21.12 3.35
CA LEU A 116 18.91 -21.77 2.99
C LEU A 116 18.25 -22.39 4.20
N GLN A 117 19.04 -23.06 5.04
CA GLN A 117 18.52 -23.79 6.20
C GLN A 117 19.18 -23.30 7.48
N VAL A 118 18.41 -23.25 8.57
CA VAL A 118 18.99 -23.13 9.90
C VAL A 118 19.63 -24.50 10.22
N PRO A 119 20.90 -24.52 10.69
CA PRO A 119 21.52 -25.82 10.96
C PRO A 119 20.73 -26.65 11.97
N ASP A 120 20.77 -27.98 11.77
CA ASP A 120 20.06 -28.92 12.65
CA ASP A 120 20.08 -28.95 12.62
C ASP A 120 20.49 -28.84 14.10
N GLU A 121 21.73 -28.42 14.35
CA GLU A 121 22.22 -28.34 15.73
C GLU A 121 21.60 -27.16 16.51
N VAL A 122 20.97 -26.22 15.79
CA VAL A 122 20.36 -25.05 16.40
C VAL A 122 18.96 -25.41 16.91
N LYS A 123 18.82 -25.48 18.22
CA LYS A 123 17.52 -25.85 18.80
C LYS A 123 16.87 -24.76 19.67
N SER A 124 17.61 -24.30 20.68
CA SER A 124 17.09 -23.37 21.69
C SER A 124 17.11 -21.94 21.19
N SER A 125 16.44 -21.04 21.91
CA SER A 125 16.47 -19.61 21.54
C SER A 125 17.89 -19.05 21.67
N SER A 126 18.69 -19.55 22.63
CA SER A 126 20.07 -19.05 22.73
C SER A 126 20.92 -19.52 21.53
N ASP A 127 20.70 -20.76 21.08
CA ASP A 127 21.38 -21.34 19.90
C ASP A 127 21.07 -20.53 18.68
N LEU A 128 19.82 -20.08 18.58
CA LEU A 128 19.38 -19.32 17.40
C LEU A 128 20.04 -17.93 17.38
N LEU A 129 20.06 -17.28 18.55
CA LEU A 129 20.77 -16.00 18.69
C LEU A 129 22.19 -16.11 18.23
N ARG A 130 22.88 -17.15 18.68
CA ARG A 130 24.29 -17.32 18.39
C ARG A 130 24.48 -17.52 16.88
N PHE A 131 23.55 -18.25 16.28
CA PHE A 131 23.61 -18.54 14.85
C PHE A 131 23.58 -17.25 14.04
N TYR A 132 22.64 -16.36 14.33
CA TYR A 132 22.51 -15.11 13.57
C TYR A 132 23.65 -14.12 13.88
N GLN A 133 24.10 -14.12 15.13
CA GLN A 133 25.28 -13.31 15.52
C GLN A 133 26.55 -13.77 14.79
N ASN A 134 26.71 -15.06 14.58
CA ASN A 134 27.92 -15.58 13.93
C ASN A 134 27.90 -15.50 12.41
N TRP A 135 26.69 -15.37 11.83
CA TRP A 135 26.55 -15.33 10.37
C TRP A 135 27.29 -14.16 9.76
N GLN A 136 28.06 -14.46 8.72
CA GLN A 136 28.85 -13.48 7.99
C GLN A 136 28.23 -13.24 6.61
N PRO A 137 27.58 -12.08 6.41
CA PRO A 137 26.98 -11.80 5.10
C PRO A 137 27.98 -11.78 3.98
N ALA A 138 27.59 -12.34 2.85
CA ALA A 138 28.43 -12.28 1.65
C ALA A 138 28.30 -10.94 0.95
N TRP A 139 27.13 -10.30 1.09
CA TRP A 139 26.79 -9.12 0.33
C TRP A 139 26.16 -8.06 1.22
N ALA A 140 26.20 -6.81 0.77
CA ALA A 140 25.47 -5.71 1.44
C ALA A 140 23.97 -6.02 1.32
N PRO A 141 23.16 -5.50 2.27
CA PRO A 141 21.72 -5.72 2.27
C PRO A 141 21.11 -5.11 1.01
N GLY A 142 20.07 -5.75 0.50
CA GLY A 142 19.31 -5.22 -0.63
C GLY A 142 20.03 -5.20 -1.98
N THR A 143 20.95 -6.14 -2.20
CA THR A 143 21.64 -6.22 -3.47
C THR A 143 21.45 -7.57 -4.22
N GLN A 144 21.37 -8.66 -3.45
CA GLN A 144 21.12 -9.98 -4.03
C GLN A 144 20.07 -10.77 -3.27
N ARG A 145 19.31 -11.55 -4.02
CA ARG A 145 18.30 -12.46 -3.47
C ARG A 145 18.88 -13.86 -3.40
N LEU A 146 18.78 -14.47 -2.22
CA LEU A 146 19.14 -15.88 -2.04
C LEU A 146 18.05 -16.51 -1.17
N TYR A 147 17.23 -17.35 -1.80
CA TYR A 147 16.13 -18.00 -1.11
C TYR A 147 16.64 -18.66 0.18
N ALA A 148 15.97 -18.38 1.29
CA ALA A 148 16.49 -18.79 2.59
C ALA A 148 15.38 -18.95 3.62
N ASN A 149 15.28 -20.16 4.20
CA ASN A 149 14.34 -20.38 5.28
C ASN A 149 14.77 -19.61 6.53
N SER A 150 16.08 -19.39 6.68
CA SER A 150 16.59 -18.68 7.86
C SER A 150 16.31 -17.18 7.80
N SER A 151 15.95 -16.71 6.59
CA SER A 151 15.60 -15.30 6.35
C SER A 151 14.12 -15.03 6.61
N ILE A 152 13.23 -15.64 5.84
CA ILE A 152 11.79 -15.45 6.09
C ILE A 152 11.33 -16.04 7.45
N GLY A 153 12.02 -17.08 7.93
CA GLY A 153 11.69 -17.67 9.24
C GLY A 153 11.93 -16.66 10.35
N LEU A 154 13.04 -15.93 10.27
CA LEU A 154 13.34 -14.87 11.26
C LEU A 154 12.32 -13.74 11.13
N PHE A 155 11.99 -13.37 9.89
CA PHE A 155 10.93 -12.37 9.69
C PHE A 155 9.68 -12.78 10.47
N GLY A 156 9.27 -14.04 10.30
CA GLY A 156 8.05 -14.50 10.95
C GLY A 156 8.14 -14.35 12.46
N ALA A 157 9.28 -14.73 13.01
CA ALA A 157 9.39 -14.73 14.47
C ALA A 157 9.35 -13.31 14.99
N LEU A 158 9.99 -12.38 14.28
CA LEU A 158 10.08 -11.00 14.77
C LEU A 158 8.79 -10.27 14.57
N ALA A 159 8.13 -10.56 13.44
CA ALA A 159 6.89 -9.90 13.09
C ALA A 159 5.82 -10.07 14.18
N VAL A 160 5.78 -11.23 14.84
CA VAL A 160 4.79 -11.43 15.89
C VAL A 160 5.20 -10.96 17.29
N LYS A 161 6.45 -10.53 17.46
CA LYS A 161 6.90 -10.16 18.80
C LYS A 161 6.07 -9.06 19.49
N PRO A 162 5.77 -7.92 18.80
CA PRO A 162 4.94 -6.93 19.51
C PRO A 162 3.53 -7.35 19.93
N SER A 163 2.91 -8.31 19.22
CA SER A 163 1.59 -8.81 19.53
C SER A 163 1.50 -9.49 20.90
N GLY A 164 2.62 -9.99 21.39
CA GLY A 164 2.65 -10.78 22.62
C GLY A 164 2.34 -12.25 22.41
N LEU A 165 1.80 -12.59 21.23
CA LEU A 165 1.35 -13.94 20.94
C LEU A 165 2.49 -14.81 20.43
N SER A 166 2.38 -16.12 20.68
CA SER A 166 3.28 -17.05 20.03
C SER A 166 2.98 -17.01 18.52
N PHE A 167 3.93 -17.49 17.71
CA PHE A 167 3.73 -17.42 16.24
C PHE A 167 2.47 -18.23 15.86
N GLU A 168 2.30 -19.39 16.49
CA GLU A 168 1.16 -20.27 16.20
C GLU A 168 -0.17 -19.65 16.64
N GLN A 169 -0.19 -19.04 17.82
CA GLN A 169 -1.39 -18.27 18.26
C GLN A 169 -1.75 -17.09 17.40
N ALA A 170 -0.75 -16.31 16.97
CA ALA A 170 -1.01 -15.21 16.07
C ALA A 170 -1.57 -15.73 14.75
N MET A 171 -0.93 -16.76 14.19
CA MET A 171 -1.40 -17.31 12.91
C MET A 171 -2.84 -17.85 13.00
N GLN A 172 -3.13 -18.61 14.06
CA GLN A 172 -4.50 -19.13 14.30
C GLN A 172 -5.53 -18.00 14.42
N THR A 173 -5.21 -17.02 15.26
CA THR A 173 -6.17 -15.97 15.62
C THR A 173 -6.36 -14.94 14.54
N ARG A 174 -5.28 -14.61 13.83
CA ARG A 174 -5.29 -13.49 12.90
C ARG A 174 -5.42 -13.87 11.43
N VAL A 175 -5.16 -15.13 11.08
CA VAL A 175 -5.25 -15.58 9.69
C VAL A 175 -6.18 -16.77 9.48
N PHE A 176 -5.90 -17.90 10.14
CA PHE A 176 -6.68 -19.15 9.96
C PHE A 176 -8.17 -18.97 10.32
N GLN A 177 -8.42 -18.53 11.56
CA GLN A 177 -9.79 -18.36 12.07
C GLN A 177 -10.63 -17.35 11.26
N PRO A 178 -10.15 -16.11 11.03
CA PRO A 178 -10.90 -15.16 10.19
C PRO A 178 -11.28 -15.68 8.80
N LEU A 179 -10.40 -16.51 8.22
CA LEU A 179 -10.60 -16.99 6.86
C LEU A 179 -11.32 -18.33 6.85
N LYS A 180 -11.63 -18.83 8.03
CA LYS A 180 -12.32 -20.12 8.21
C LYS A 180 -11.50 -21.28 7.67
N LEU A 181 -10.21 -21.21 7.94
CA LEU A 181 -9.32 -22.33 7.60
C LEU A 181 -9.23 -23.18 8.86
N ASN A 182 -10.27 -23.99 9.04
CA ASN A 182 -10.46 -24.77 10.23
C ASN A 182 -9.75 -26.12 10.25
N HIS A 183 -9.14 -26.48 9.11
CA HIS A 183 -8.41 -27.74 8.98
C HIS A 183 -7.01 -27.46 8.50
N THR A 184 -6.46 -26.35 8.98
CA THR A 184 -5.11 -25.91 8.62
C THR A 184 -4.36 -25.75 9.93
N TRP A 185 -3.15 -26.32 10.00
CA TRP A 185 -2.45 -26.49 11.27
C TRP A 185 -0.96 -26.26 11.13
N ILE A 186 -0.37 -25.71 12.19
CA ILE A 186 1.09 -25.74 12.37
C ILE A 186 1.51 -27.04 13.07
N ASN A 187 0.76 -27.43 14.11
CA ASN A 187 0.93 -28.71 14.74
C ASN A 187 -0.35 -29.51 14.54
N VAL A 188 -0.24 -30.69 13.94
CA VAL A 188 -1.44 -31.48 13.64
C VAL A 188 -1.96 -32.11 14.94
N PRO A 189 -3.20 -31.78 15.35
CA PRO A 189 -3.70 -32.35 16.61
C PRO A 189 -3.96 -33.85 16.52
N PRO A 190 -3.86 -34.60 17.65
CA PRO A 190 -4.15 -36.04 17.58
C PRO A 190 -5.48 -36.42 16.93
N ALA A 191 -6.50 -35.59 17.11
CA ALA A 191 -7.83 -35.87 16.53
C ALA A 191 -7.80 -35.85 15.01
N GLU A 192 -6.82 -35.17 14.43
CA GLU A 192 -6.76 -35.04 12.97
C GLU A 192 -5.73 -35.99 12.33
N GLU A 193 -5.02 -36.77 13.14
CA GLU A 193 -3.94 -37.63 12.64
C GLU A 193 -4.44 -38.66 11.64
N LYS A 194 -5.68 -39.12 11.83
CA LYS A 194 -6.35 -40.00 10.87
C LYS A 194 -6.34 -39.47 9.42
N ASN A 195 -6.34 -38.15 9.28
CA ASN A 195 -6.39 -37.42 7.98
C ASN A 195 -5.02 -36.98 7.45
N TYR A 196 -3.96 -37.24 8.20
CA TYR A 196 -2.66 -36.67 7.85
C TYR A 196 -1.93 -37.65 6.93
N ALA A 197 -1.78 -37.28 5.66
CA ALA A 197 -1.07 -38.13 4.70
C ALA A 197 0.35 -38.40 5.16
N TRP A 198 0.87 -39.56 4.79
CA TRP A 198 2.31 -39.77 4.85
C TRP A 198 2.93 -39.16 3.60
N GLY A 199 4.12 -38.57 3.77
CA GLY A 199 4.94 -38.21 2.62
C GLY A 199 5.75 -39.42 2.19
N TYR A 200 6.14 -39.49 0.92
CA TYR A 200 6.95 -40.61 0.47
C TYR A 200 8.24 -40.13 -0.17
N ARG A 201 9.37 -40.57 0.39
CA ARG A 201 10.69 -40.27 -0.17
C ARG A 201 11.42 -41.59 -0.41
N GLU A 202 11.73 -41.90 -1.68
CA GLU A 202 12.39 -43.15 -2.05
C GLU A 202 11.59 -44.33 -1.50
N GLY A 203 10.26 -44.22 -1.58
CA GLY A 203 9.37 -45.27 -1.10
C GLY A 203 9.16 -45.37 0.40
N LYS A 204 9.89 -44.59 1.21
CA LYS A 204 9.70 -44.62 2.66
C LYS A 204 8.68 -43.56 3.12
N ALA A 205 7.77 -43.94 4.02
CA ALA A 205 6.80 -43.02 4.61
C ALA A 205 7.52 -42.05 5.56
N VAL A 206 7.39 -40.75 5.31
CA VAL A 206 8.08 -39.73 6.12
C VAL A 206 7.17 -38.57 6.45
N HIS A 207 7.37 -37.99 7.63
CA HIS A 207 6.78 -36.69 7.97
C HIS A 207 7.87 -35.66 8.23
N VAL A 208 7.53 -34.39 8.11
CA VAL A 208 8.51 -33.31 8.37
C VAL A 208 9.07 -33.39 9.80
N SER A 209 10.39 -33.18 9.94
CA SER A 209 11.06 -33.14 11.25
C SER A 209 10.96 -31.78 11.92
N PRO A 210 10.89 -31.75 13.26
CA PRO A 210 10.91 -30.48 13.99
C PRO A 210 12.25 -29.81 13.76
N GLY A 211 12.25 -28.47 13.63
CA GLY A 211 13.48 -27.74 13.44
C GLY A 211 13.25 -26.34 13.96
N ALA A 212 14.34 -25.59 14.19
CA ALA A 212 14.22 -24.15 14.51
C ALA A 212 13.55 -23.39 13.36
N LEU A 213 12.65 -22.49 13.73
CA LEU A 213 11.91 -21.68 12.75
C LEU A 213 11.11 -22.51 11.74
N ASP A 214 10.75 -23.75 12.10
CA ASP A 214 9.97 -24.60 11.19
C ASP A 214 8.55 -24.05 10.93
N ALA A 215 7.88 -23.63 12.00
CA ALA A 215 6.51 -23.10 11.88
C ALA A 215 6.49 -21.92 10.90
N GLU A 216 7.50 -21.04 11.03
CA GLU A 216 7.55 -19.77 10.27
C GLU A 216 7.92 -19.95 8.79
N ALA A 217 8.65 -21.02 8.48
CA ALA A 217 9.20 -21.17 7.13
C ALA A 217 8.55 -22.31 6.32
N TYR A 218 8.21 -23.41 6.97
CA TYR A 218 7.81 -24.61 6.24
C TYR A 218 6.88 -25.57 6.97
N GLY A 219 6.18 -25.11 7.98
CA GLY A 219 5.45 -26.04 8.84
C GLY A 219 3.95 -26.04 8.81
N VAL A 220 3.33 -25.48 7.78
CA VAL A 220 1.85 -25.51 7.73
C VAL A 220 1.42 -26.82 7.03
N LYS A 221 0.38 -27.47 7.58
CA LYS A 221 -0.29 -28.61 6.93
C LYS A 221 -1.74 -28.22 6.67
N SER A 222 -2.30 -28.65 5.54
CA SER A 222 -3.65 -28.18 5.18
C SER A 222 -4.34 -29.13 4.22
N THR A 223 -5.65 -28.97 4.07
CA THR A 223 -6.48 -29.78 3.17
C THR A 223 -6.63 -29.02 1.85
N ILE A 224 -7.10 -29.74 0.83
CA ILE A 224 -7.33 -29.11 -0.48
C ILE A 224 -8.47 -28.09 -0.37
N GLU A 225 -9.42 -28.33 0.55
CA GLU A 225 -10.54 -27.40 0.71
C GLU A 225 -10.06 -26.09 1.35
N ASP A 226 -9.30 -26.19 2.44
CA ASP A 226 -8.74 -24.97 3.03
C ASP A 226 -7.78 -24.22 2.09
N MET A 227 -7.00 -24.94 1.30
CA MET A 227 -6.06 -24.29 0.38
C MET A 227 -6.83 -23.59 -0.75
N ALA A 228 -7.94 -24.18 -1.18
CA ALA A 228 -8.81 -23.50 -2.16
C ALA A 228 -9.34 -22.21 -1.56
N ARG A 229 -9.74 -22.26 -0.30
CA ARG A 229 -10.20 -21.06 0.39
C ARG A 229 -9.08 -20.02 0.57
N TRP A 230 -7.87 -20.50 0.84
CA TRP A 230 -6.72 -19.60 0.90
C TRP A 230 -6.53 -18.88 -0.45
N VAL A 231 -6.62 -19.63 -1.55
CA VAL A 231 -6.50 -19.01 -2.90
C VAL A 231 -7.63 -17.98 -3.14
N GLN A 232 -8.87 -18.30 -2.77
CA GLN A 232 -9.98 -17.36 -2.94
C GLN A 232 -9.71 -16.06 -2.17
N SER A 233 -9.19 -16.18 -0.94
CA SER A 233 -8.91 -15.00 -0.11
C SER A 233 -7.85 -14.12 -0.73
N ASN A 234 -6.87 -14.74 -1.40
CA ASN A 234 -5.79 -14.02 -2.02
C ASN A 234 -6.17 -13.50 -3.43
N LEU A 235 -7.13 -14.15 -4.08
CA LEU A 235 -7.66 -13.65 -5.37
C LEU A 235 -8.50 -12.40 -5.17
N LYS A 236 -9.25 -12.36 -4.08
CA LYS A 236 -10.16 -11.24 -3.78
C LYS A 236 -10.08 -10.75 -2.34
N PRO A 237 -8.99 -10.06 -1.98
CA PRO A 237 -8.87 -9.69 -0.57
C PRO A 237 -9.96 -8.71 -0.06
N LEU A 238 -10.60 -8.01 -0.99
CA LEU A 238 -11.61 -7.00 -0.60
C LEU A 238 -12.86 -7.62 0.05
N ASP A 239 -13.17 -8.85 -0.35
CA ASP A 239 -14.28 -9.59 0.24
C ASP A 239 -14.01 -10.07 1.68
N ILE A 240 -12.79 -9.84 2.18
CA ILE A 240 -12.45 -10.16 3.58
C ILE A 240 -12.85 -8.98 4.49
N ASN A 241 -13.58 -9.30 5.56
CA ASN A 241 -14.16 -8.28 6.42
C ASN A 241 -13.14 -7.61 7.34
N GLU A 242 -12.20 -8.41 7.87
CA GLU A 242 -11.13 -7.92 8.75
C GLU A 242 -10.19 -7.00 7.97
N LYS A 243 -10.24 -5.73 8.33
CA LYS A 243 -9.52 -4.67 7.64
C LYS A 243 -8.01 -4.93 7.58
N THR A 244 -7.41 -5.31 8.69
CA THR A 244 -5.94 -5.44 8.67
C THR A 244 -5.51 -6.69 7.88
N LEU A 245 -6.35 -7.70 7.91
CA LEU A 245 -6.08 -8.93 7.16
C LEU A 245 -6.19 -8.69 5.64
N GLN A 246 -7.26 -8.01 5.23
CA GLN A 246 -7.42 -7.57 3.83
C GLN A 246 -6.19 -6.78 3.36
N GLN A 247 -5.77 -5.80 4.16
CA GLN A 247 -4.58 -5.02 3.88
C GLN A 247 -3.29 -5.88 3.84
N GLY A 248 -3.17 -6.78 4.81
CA GLY A 248 -2.01 -7.69 4.87
C GLY A 248 -1.86 -8.57 3.63
N ILE A 249 -2.99 -9.10 3.14
CA ILE A 249 -3.00 -9.81 1.86
C ILE A 249 -2.48 -8.94 0.71
N GLN A 250 -3.00 -7.73 0.63
CA GLN A 250 -2.54 -6.80 -0.39
C GLN A 250 -1.05 -6.50 -0.26
N LEU A 251 -0.54 -6.33 0.96
CA LEU A 251 0.89 -6.05 1.13
C LEU A 251 1.78 -7.23 0.71
N ALA A 252 1.24 -8.44 0.86
CA ALA A 252 2.07 -9.63 0.56
C ALA A 252 2.22 -9.81 -0.95
N GLN A 253 1.30 -9.22 -1.70
CA GLN A 253 1.35 -9.29 -3.16
C GLN A 253 1.91 -8.04 -3.81
N SER A 254 2.44 -7.12 -3.01
CA SER A 254 3.12 -5.96 -3.59
C SER A 254 4.48 -6.37 -4.15
N ARG A 255 5.00 -5.65 -5.14
CA ARG A 255 6.27 -6.05 -5.78
C ARG A 255 7.41 -5.23 -5.21
N TYR A 256 8.28 -5.89 -4.44
CA TYR A 256 9.36 -5.22 -3.71
C TYR A 256 10.69 -5.18 -4.46
N TRP A 257 10.94 -6.25 -5.22
CA TRP A 257 12.21 -6.45 -5.91
C TRP A 257 11.91 -7.11 -7.22
N GLN A 258 12.75 -6.83 -8.20
CA GLN A 258 12.67 -7.55 -9.48
C GLN A 258 13.98 -8.30 -9.80
N THR A 259 13.84 -9.54 -10.27
CA THR A 259 14.97 -10.26 -10.84
C THR A 259 14.45 -10.99 -12.09
N GLY A 260 14.94 -10.54 -13.25
CA GLY A 260 14.49 -11.10 -14.50
C GLY A 260 13.04 -10.72 -14.71
N ASP A 261 12.21 -11.73 -15.00
CA ASP A 261 10.79 -11.49 -15.20
C ASP A 261 9.99 -11.63 -13.90
N MET A 262 10.67 -11.89 -12.77
CA MET A 262 9.96 -12.18 -11.51
C MET A 262 10.06 -11.06 -10.47
N TYR A 263 8.99 -10.92 -9.70
CA TYR A 263 8.85 -9.87 -8.69
C TYR A 263 8.66 -10.57 -7.34
N GLN A 264 9.37 -10.10 -6.35
CA GLN A 264 9.30 -10.76 -5.02
C GLN A 264 8.27 -10.03 -4.16
N GLY A 265 7.27 -10.76 -3.66
CA GLY A 265 6.36 -10.24 -2.62
C GLY A 265 6.77 -10.72 -1.23
N LEU A 266 5.82 -10.75 -0.31
CA LEU A 266 6.11 -11.34 1.03
C LEU A 266 5.56 -12.76 0.94
N GLY A 267 6.47 -13.73 0.75
CA GLY A 267 6.03 -15.12 0.56
C GLY A 267 5.70 -15.36 -0.90
N TRP A 268 4.64 -14.71 -1.40
CA TRP A 268 4.28 -14.86 -2.82
C TRP A 268 5.37 -14.33 -3.76
N GLU A 269 5.47 -14.94 -4.93
CA GLU A 269 6.29 -14.44 -6.04
C GLU A 269 5.32 -14.18 -7.21
N MET A 270 5.64 -13.22 -8.09
CA MET A 270 4.71 -12.77 -9.15
C MET A 270 5.40 -12.56 -10.49
N LEU A 271 4.67 -12.83 -11.57
CA LEU A 271 5.11 -12.43 -12.90
C LEU A 271 3.95 -11.68 -13.56
N ASP A 272 4.25 -10.73 -14.44
CA ASP A 272 3.20 -10.11 -15.25
C ASP A 272 2.51 -11.14 -16.12
N TRP A 273 1.18 -11.04 -16.20
CA TRP A 273 0.37 -11.90 -17.05
C TRP A 273 -0.02 -11.11 -18.32
N PRO A 274 0.04 -11.74 -19.51
CA PRO A 274 0.30 -13.15 -19.82
C PRO A 274 1.78 -13.52 -19.74
N VAL A 275 2.05 -14.81 -19.49
CA VAL A 275 3.41 -15.32 -19.44
C VAL A 275 3.43 -16.81 -19.87
N ASN A 276 4.50 -17.22 -20.52
CA ASN A 276 4.73 -18.64 -20.87
C ASN A 276 5.48 -19.34 -19.73
N PRO A 277 5.27 -20.67 -19.57
CA PRO A 277 5.82 -21.48 -18.46
C PRO A 277 7.33 -21.52 -18.39
N ASP A 278 7.98 -21.44 -19.55
CA ASP A 278 9.44 -21.36 -19.64
C ASP A 278 9.99 -20.16 -18.89
N SER A 279 9.29 -19.02 -18.98
CA SER A 279 9.67 -17.84 -18.21
C SER A 279 9.33 -18.00 -16.72
N ILE A 280 8.29 -18.77 -16.42
CA ILE A 280 7.89 -19.02 -15.03
C ILE A 280 8.95 -19.88 -14.29
N ILE A 281 9.36 -21.00 -14.90
CA ILE A 281 10.44 -21.81 -14.34
C ILE A 281 11.77 -21.07 -14.44
N ILE A 288 18.83 -26.62 -8.73
CA ILE A 288 19.78 -25.72 -8.10
C ILE A 288 19.54 -25.57 -6.59
N ALA A 289 20.48 -26.05 -5.81
CA ALA A 289 20.45 -25.93 -4.34
C ALA A 289 20.65 -24.49 -3.82
N LEU A 290 21.19 -23.62 -4.67
CA LEU A 290 21.53 -22.23 -4.37
C LEU A 290 21.60 -21.48 -5.72
N ALA A 291 20.74 -20.47 -5.90
CA ALA A 291 20.85 -19.56 -7.04
C ALA A 291 20.88 -18.11 -6.51
N ALA A 292 22.06 -17.49 -6.58
CA ALA A 292 22.20 -16.11 -6.15
C ALA A 292 21.88 -15.18 -7.33
N ARG A 293 20.89 -14.30 -7.16
CA ARG A 293 20.49 -13.40 -8.24
C ARG A 293 20.54 -11.94 -7.81
N PRO A 294 21.22 -11.07 -8.58
CA PRO A 294 21.14 -9.63 -8.31
C PRO A 294 19.68 -9.17 -8.39
N VAL A 295 19.29 -8.22 -7.55
CA VAL A 295 17.92 -7.70 -7.56
C VAL A 295 17.94 -6.19 -7.72
N LYS A 296 16.90 -5.68 -8.38
CA LYS A 296 16.66 -4.26 -8.49
C LYS A 296 15.52 -3.93 -7.55
N ALA A 297 15.68 -2.89 -6.74
CA ALA A 297 14.62 -2.42 -5.86
C ALA A 297 13.50 -1.78 -6.69
N ILE A 298 12.28 -2.03 -6.27
CA ILE A 298 11.11 -1.37 -6.83
C ILE A 298 10.76 -0.24 -5.84
N THR A 299 11.12 0.99 -6.21
CA THR A 299 11.11 2.10 -5.26
C THR A 299 10.11 3.16 -5.72
N PRO A 300 8.95 3.26 -5.06
CA PRO A 300 8.49 2.41 -3.95
C PRO A 300 7.80 1.14 -4.50
N PRO A 301 7.54 0.13 -3.64
CA PRO A 301 6.90 -1.10 -4.16
C PRO A 301 5.56 -0.91 -4.93
N THR A 302 5.34 -1.71 -5.96
CA THR A 302 4.08 -1.62 -6.74
C THR A 302 2.97 -2.34 -5.99
N PRO A 303 1.81 -1.67 -5.74
CA PRO A 303 0.69 -2.38 -5.10
C PRO A 303 0.29 -3.59 -5.93
N ALA A 304 -0.29 -4.60 -5.29
CA ALA A 304 -0.70 -5.81 -6.00
C ALA A 304 -1.26 -5.53 -7.40
N VAL A 305 -0.63 -6.12 -8.42
CA VAL A 305 -1.10 -5.98 -9.80
C VAL A 305 -2.07 -7.11 -10.11
N ARG A 306 -3.31 -6.77 -10.46
CA ARG A 306 -4.29 -7.79 -10.82
C ARG A 306 -3.94 -8.70 -12.00
N ALA A 307 -3.27 -8.15 -13.02
CA ALA A 307 -2.83 -8.95 -14.18
C ALA A 307 -1.45 -9.58 -13.91
N SER A 308 -1.42 -10.54 -12.98
CA SER A 308 -0.20 -11.21 -12.54
C SER A 308 -0.47 -12.68 -12.43
N TRP A 309 0.57 -13.47 -12.66
CA TRP A 309 0.61 -14.87 -12.28
C TRP A 309 1.25 -14.83 -10.89
N VAL A 310 0.48 -15.18 -9.87
CA VAL A 310 0.99 -15.12 -8.50
C VAL A 310 1.15 -16.56 -8.09
N HIS A 311 2.31 -16.92 -7.54
CA HIS A 311 2.55 -18.33 -7.28
C HIS A 311 3.53 -18.59 -6.13
N LYS A 312 3.56 -19.85 -5.68
CA LYS A 312 4.56 -20.37 -4.71
C LYS A 312 4.62 -21.89 -4.84
N THR A 313 5.85 -22.39 -4.95
CA THR A 313 6.10 -23.81 -4.94
C THR A 313 6.54 -24.22 -3.53
N GLY A 314 6.26 -25.44 -3.11
CA GLY A 314 6.60 -25.82 -1.74
C GLY A 314 7.02 -27.27 -1.72
N ALA A 315 7.93 -27.60 -0.81
CA ALA A 315 8.34 -28.99 -0.68
C ALA A 315 8.77 -29.34 0.72
N THR A 316 8.50 -30.57 1.11
CA THR A 316 9.17 -31.18 2.27
C THR A 316 9.83 -32.44 1.74
N GLY A 317 10.48 -33.20 2.60
CA GLY A 317 11.17 -34.39 2.13
C GLY A 317 10.24 -35.33 1.36
N GLY A 318 8.97 -35.37 1.81
CA GLY A 318 7.99 -36.32 1.30
C GLY A 318 6.79 -35.70 0.57
N PHE A 319 6.76 -34.36 0.43
CA PHE A 319 5.61 -33.67 -0.17
C PHE A 319 6.01 -32.62 -1.20
N GLY A 320 5.16 -32.40 -2.20
CA GLY A 320 5.37 -31.34 -3.19
C GLY A 320 4.05 -30.62 -3.40
N SER A 321 4.04 -29.30 -3.21
CA SER A 321 2.86 -28.47 -3.42
C SER A 321 3.12 -27.31 -4.39
N TYR A 322 2.03 -26.77 -4.92
CA TYR A 322 2.07 -25.67 -5.86
C TYR A 322 0.77 -24.94 -5.79
N VAL A 323 0.85 -23.61 -5.75
CA VAL A 323 -0.28 -22.72 -5.85
C VAL A 323 0.00 -21.66 -6.89
N ALA A 324 -0.99 -21.35 -7.75
CA ALA A 324 -0.85 -20.24 -8.68
C ALA A 324 -2.21 -19.66 -8.93
N PHE A 325 -2.29 -18.34 -9.03
CA PHE A 325 -3.56 -17.70 -9.36
C PHE A 325 -3.34 -16.44 -10.16
N ILE A 326 -4.38 -16.04 -10.88
CA ILE A 326 -4.37 -14.78 -11.65
C ILE A 326 -5.56 -13.94 -11.20
N PRO A 327 -5.34 -12.90 -10.36
CA PRO A 327 -6.44 -12.07 -9.85
C PRO A 327 -7.38 -11.49 -10.90
N GLU A 328 -6.86 -10.95 -12.00
CA GLU A 328 -7.75 -10.34 -12.97
C GLU A 328 -8.79 -11.31 -13.56
N LYS A 329 -8.50 -12.60 -13.52
CA LYS A 329 -9.36 -13.59 -14.17
C LYS A 329 -10.15 -14.41 -13.19
N GLU A 330 -9.93 -14.19 -11.88
CA GLU A 330 -10.61 -14.94 -10.81
C GLU A 330 -10.35 -16.45 -10.99
N LEU A 331 -9.11 -16.78 -11.36
CA LEU A 331 -8.72 -18.13 -11.72
C LEU A 331 -7.54 -18.59 -10.87
N GLY A 332 -7.55 -19.84 -10.41
CA GLY A 332 -6.45 -20.34 -9.53
C GLY A 332 -6.37 -21.83 -9.50
N ILE A 333 -5.26 -22.35 -9.00
CA ILE A 333 -5.09 -23.78 -8.87
C ILE A 333 -4.20 -24.04 -7.63
N VAL A 334 -4.55 -25.08 -6.90
CA VAL A 334 -3.69 -25.68 -5.87
C VAL A 334 -3.46 -27.14 -6.25
N MET A 335 -2.20 -27.57 -6.18
CA MET A 335 -1.84 -28.95 -6.39
C MET A 335 -1.04 -29.46 -5.16
N LEU A 336 -1.58 -30.46 -4.48
CA LEU A 336 -0.95 -31.04 -3.24
C LEU A 336 -0.64 -32.48 -3.48
N ALA A 337 0.61 -32.89 -3.26
CA ALA A 337 1.04 -34.28 -3.51
C ALA A 337 1.92 -34.77 -2.35
N ASN A 338 1.87 -36.08 -2.06
CA ASN A 338 2.74 -36.70 -1.03
C ASN A 338 3.96 -37.40 -1.63
N LYS A 339 4.57 -36.67 -2.57
CA LYS A 339 5.89 -36.92 -3.11
C LYS A 339 6.48 -35.58 -3.60
N ASN A 340 7.76 -35.36 -3.31
CA ASN A 340 8.43 -34.15 -3.75
C ASN A 340 8.95 -34.40 -5.16
N TYR A 341 8.19 -33.99 -6.15
CA TYR A 341 8.57 -34.23 -7.55
C TYR A 341 9.00 -32.90 -8.17
N PRO A 342 9.73 -32.93 -9.32
CA PRO A 342 10.36 -31.68 -9.80
C PRO A 342 9.44 -30.48 -10.04
N ASN A 343 9.87 -29.30 -9.59
CA ASN A 343 9.11 -28.05 -9.80
C ASN A 343 8.63 -27.78 -11.23
N PRO A 344 9.51 -27.95 -12.24
CA PRO A 344 9.06 -27.65 -13.61
C PRO A 344 7.83 -28.45 -14.05
N ALA A 345 7.70 -29.68 -13.54
CA ALA A 345 6.55 -30.52 -13.84
C ALA A 345 5.24 -29.97 -13.21
N ARG A 346 5.35 -29.43 -11.98
CA ARG A 346 4.24 -28.71 -11.32
C ARG A 346 3.78 -27.50 -12.10
N VAL A 347 4.73 -26.63 -12.50
CA VAL A 347 4.41 -25.40 -13.18
C VAL A 347 3.80 -25.71 -14.55
N ASP A 348 4.38 -26.67 -15.27
CA ASP A 348 3.86 -27.06 -16.58
C ASP A 348 2.38 -27.46 -16.52
N ALA A 349 2.07 -28.32 -15.56
CA ALA A 349 0.71 -28.84 -15.35
C ALA A 349 -0.27 -27.73 -14.96
N ALA A 350 0.14 -26.87 -14.02
CA ALA A 350 -0.70 -25.74 -13.61
C ALA A 350 -0.96 -24.81 -14.80
N TRP A 351 0.09 -24.47 -15.53
CA TRP A 351 -0.07 -23.56 -16.67
C TRP A 351 -0.99 -24.16 -17.73
N GLN A 352 -0.81 -25.45 -18.03
CA GLN A 352 -1.65 -26.16 -18.98
C GLN A 352 -3.13 -26.05 -18.60
N ILE A 353 -3.44 -26.27 -17.31
CA ILE A 353 -4.83 -26.20 -16.82
C ILE A 353 -5.39 -24.79 -16.86
N LEU A 354 -4.66 -23.83 -16.30
CA LEU A 354 -5.15 -22.46 -16.25
C LEU A 354 -5.20 -21.84 -17.66
N ASN A 355 -4.19 -22.11 -18.48
CA ASN A 355 -4.23 -21.67 -19.90
C ASN A 355 -5.51 -22.13 -20.61
N ALA A 356 -5.88 -23.39 -20.44
CA ALA A 356 -7.10 -23.93 -21.07
C ALA A 356 -8.37 -23.25 -20.60
N LEU A 357 -8.35 -22.71 -19.38
CA LEU A 357 -9.56 -22.13 -18.79
C LEU A 357 -9.61 -20.62 -18.95
N GLN A 358 -8.46 -20.04 -19.26
CA GLN A 358 -8.28 -18.59 -19.24
C GLN A 358 -8.97 -17.96 -20.43
N ALA B 1 -25.17 21.36 16.81
CA ALA B 1 -24.01 20.58 17.30
C ALA B 1 -24.06 20.39 18.83
N PRO B 2 -23.41 19.33 19.36
CA PRO B 2 -23.19 19.28 20.81
C PRO B 2 -22.61 20.60 21.30
N GLN B 3 -22.96 20.96 22.53
CA GLN B 3 -22.52 22.21 23.14
C GLN B 3 -21.01 22.30 23.21
N GLN B 4 -20.31 21.18 23.32
CA GLN B 4 -18.85 21.17 23.43
C GLN B 4 -18.23 21.73 22.15
N ILE B 5 -18.81 21.35 21.02
CA ILE B 5 -18.29 21.77 19.72
C ILE B 5 -18.62 23.23 19.47
N ASN B 6 -19.88 23.62 19.70
CA ASN B 6 -20.27 25.01 19.55
C ASN B 6 -19.39 25.91 20.40
N ASP B 7 -19.14 25.52 21.65
CA ASP B 7 -18.37 26.33 22.56
C ASP B 7 -16.95 26.57 22.05
N ILE B 8 -16.25 25.49 21.70
CA ILE B 8 -14.85 25.63 21.32
C ILE B 8 -14.70 26.33 19.98
N VAL B 9 -15.61 26.07 19.03
CA VAL B 9 -15.55 26.74 17.72
C VAL B 9 -15.75 28.25 17.86
N HIS B 10 -16.84 28.62 18.55
CA HIS B 10 -17.14 30.03 18.76
C HIS B 10 -16.01 30.75 19.51
N ARG B 11 -15.45 30.14 20.56
CA ARG B 11 -14.37 30.76 21.32
C ARG B 11 -13.09 30.88 20.53
N THR B 12 -12.91 30.02 19.53
CA THR B 12 -11.63 29.98 18.77
C THR B 12 -11.69 30.73 17.43
N ILE B 13 -12.69 30.40 16.60
CA ILE B 13 -12.76 30.95 15.23
C ILE B 13 -13.28 32.39 15.21
N THR B 14 -14.31 32.64 16.01
CA THR B 14 -14.91 33.97 16.02
C THR B 14 -13.89 35.06 16.31
N PRO B 15 -13.10 34.93 17.39
CA PRO B 15 -12.04 35.95 17.54
C PRO B 15 -10.91 35.93 16.51
N LEU B 16 -10.58 34.76 15.96
CA LEU B 16 -9.59 34.65 14.87
C LEU B 16 -10.01 35.57 13.71
N ILE B 17 -11.28 35.48 13.35
CA ILE B 17 -11.85 36.30 12.31
C ILE B 17 -11.72 37.80 12.61
N GLU B 18 -11.97 38.19 13.86
CA GLU B 18 -11.86 39.59 14.24
C GLU B 18 -10.40 40.04 14.17
N GLN B 19 -9.49 39.21 14.68
CA GLN B 19 -8.07 39.54 14.70
C GLN B 19 -7.48 39.63 13.30
N GLN B 20 -7.88 38.73 12.40
CA GLN B 20 -7.30 38.66 11.06
C GLN B 20 -8.08 39.45 10.03
N LYS B 21 -9.17 40.10 10.46
CA LYS B 21 -10.08 40.84 9.58
C LYS B 21 -10.58 40.05 8.37
N ILE B 22 -10.95 38.81 8.62
CA ILE B 22 -11.47 37.91 7.58
C ILE B 22 -12.91 38.28 7.18
N PRO B 23 -13.12 38.60 5.89
CA PRO B 23 -14.47 39.00 5.46
C PRO B 23 -15.53 37.91 5.59
N GLY B 24 -15.19 36.66 5.26
CA GLY B 24 -16.14 35.55 5.36
C GLY B 24 -15.41 34.24 5.60
N MET B 25 -16.08 33.32 6.30
CA MET B 25 -15.47 32.06 6.71
C MET B 25 -16.49 30.96 6.88
N ALA B 26 -16.10 29.76 6.50
CA ALA B 26 -16.89 28.59 6.77
C ALA B 26 -15.99 27.54 7.41
N VAL B 27 -16.53 26.83 8.40
CA VAL B 27 -15.79 25.80 9.13
C VAL B 27 -16.68 24.56 9.25
N ALA B 28 -16.14 23.37 8.99
CA ALA B 28 -16.82 22.12 9.35
C ALA B 28 -15.98 21.39 10.36
N VAL B 29 -16.61 20.87 11.41
CA VAL B 29 -15.93 19.96 12.33
C VAL B 29 -16.54 18.58 12.16
N ILE B 30 -15.70 17.57 12.01
CA ILE B 30 -16.18 16.19 11.90
C ILE B 30 -15.92 15.59 13.26
N TYR B 31 -16.98 15.17 13.94
CA TYR B 31 -16.86 14.66 15.30
C TYR B 31 -17.63 13.34 15.36
N GLN B 32 -16.91 12.30 15.78
CA GLN B 32 -17.40 10.92 15.71
C GLN B 32 -17.96 10.63 14.34
N GLY B 33 -17.24 11.10 13.33
CA GLY B 33 -17.64 10.85 11.96
C GLY B 33 -18.72 11.71 11.35
N LYS B 34 -19.41 12.54 12.15
CA LYS B 34 -20.51 13.42 11.67
C LYS B 34 -20.07 14.89 11.50
N PRO B 35 -20.53 15.57 10.44
CA PRO B 35 -20.16 16.98 10.19
C PRO B 35 -21.06 17.98 10.89
N TYR B 36 -20.45 19.05 11.38
CA TYR B 36 -21.13 20.20 12.00
C TYR B 36 -20.58 21.44 11.31
N TYR B 37 -21.45 22.35 10.91
CA TYR B 37 -21.09 23.49 10.08
C TYR B 37 -21.26 24.82 10.79
N PHE B 38 -20.36 25.76 10.48
CA PHE B 38 -20.37 27.06 11.10
C PHE B 38 -20.06 28.08 10.01
N THR B 39 -20.74 29.24 10.02
CA THR B 39 -20.48 30.27 9.00
C THR B 39 -20.47 31.66 9.57
N TRP B 40 -19.67 32.53 8.96
CA TRP B 40 -19.56 33.92 9.36
C TRP B 40 -19.42 34.80 8.14
N GLY B 41 -20.01 35.99 8.19
CA GLY B 41 -19.59 37.05 7.28
C GLY B 41 -20.08 36.87 5.86
N TYR B 42 -19.31 37.41 4.93
CA TYR B 42 -19.74 37.57 3.54
C TYR B 42 -18.83 36.87 2.52
N ALA B 43 -19.45 36.21 1.55
CA ALA B 43 -18.79 35.71 0.34
C ALA B 43 -18.47 36.86 -0.60
N ASP B 44 -19.34 37.88 -0.62
CA ASP B 44 -19.19 39.04 -1.51
C ASP B 44 -19.60 40.28 -0.70
N ILE B 45 -18.61 41.09 -0.35
CA ILE B 45 -18.79 42.23 0.54
C ILE B 45 -19.68 43.30 -0.13
N ALA B 46 -19.34 43.66 -1.36
CA ALA B 46 -20.08 44.66 -2.13
C ALA B 46 -21.57 44.31 -2.26
N LYS B 47 -21.86 43.07 -2.64
CA LYS B 47 -23.23 42.60 -2.77
C LYS B 47 -23.86 42.14 -1.47
N LYS B 48 -23.10 42.15 -0.37
CA LYS B 48 -23.54 41.63 0.93
C LYS B 48 -24.18 40.23 0.86
N GLN B 49 -23.57 39.35 0.05
CA GLN B 49 -23.97 37.96 -0.01
C GLN B 49 -23.28 37.18 1.15
N PRO B 50 -24.07 36.51 1.99
CA PRO B 50 -23.46 35.82 3.12
C PRO B 50 -22.76 34.56 2.65
N VAL B 51 -21.81 34.10 3.45
CA VAL B 51 -21.28 32.76 3.32
C VAL B 51 -22.40 31.79 3.69
N THR B 52 -22.59 30.77 2.89
CA THR B 52 -23.56 29.73 3.20
C THR B 52 -22.82 28.41 2.99
N GLN B 53 -23.49 27.30 3.27
CA GLN B 53 -22.96 25.97 2.97
C GLN B 53 -22.77 25.66 1.50
N GLN B 54 -23.31 26.53 0.63
CA GLN B 54 -23.16 26.40 -0.83
C GLN B 54 -22.10 27.34 -1.41
N THR B 55 -21.48 28.17 -0.57
CA THR B 55 -20.43 29.09 -1.06
C THR B 55 -19.16 28.33 -1.49
N LEU B 56 -18.68 28.58 -2.71
CA LEU B 56 -17.40 28.03 -3.17
C LEU B 56 -16.23 28.94 -2.81
N PHE B 57 -15.18 28.33 -2.27
CA PHE B 57 -13.92 28.98 -1.94
C PHE B 57 -12.80 28.36 -2.77
N GLU B 58 -11.75 29.14 -3.03
CA GLU B 58 -10.56 28.62 -3.67
C GLU B 58 -9.74 27.89 -2.63
N LEU B 59 -9.41 26.64 -2.93
CA LEU B 59 -8.66 25.82 -1.98
C LEU B 59 -7.16 26.08 -2.02
N GLY B 60 -6.66 26.66 -3.12
CA GLY B 60 -5.22 26.82 -3.27
C GLY B 60 -4.51 25.48 -3.13
N SER B 61 -3.41 25.40 -2.36
CA SER B 61 -2.65 24.12 -2.22
C SER B 61 -3.38 22.93 -1.58
N VAL B 62 -4.54 23.14 -0.95
CA VAL B 62 -5.30 21.99 -0.50
C VAL B 62 -5.73 21.13 -1.72
N SER B 63 -5.75 21.75 -2.90
CA SER B 63 -6.02 21.06 -4.16
C SER B 63 -5.03 19.93 -4.38
N LYS B 64 -3.80 20.07 -3.87
CA LYS B 64 -2.80 19.00 -4.01
C LYS B 64 -3.24 17.66 -3.38
N THR B 65 -4.13 17.73 -2.39
CA THR B 65 -4.64 16.49 -1.78
C THR B 65 -5.53 15.75 -2.79
N PHE B 66 -6.28 16.50 -3.58
CA PHE B 66 -7.05 15.86 -4.66
C PHE B 66 -6.13 15.29 -5.71
N THR B 67 -5.05 16.02 -6.02
CA THR B 67 -4.14 15.54 -7.04
C THR B 67 -3.43 14.26 -6.58
N GLY B 68 -3.04 14.24 -5.30
CA GLY B 68 -2.40 13.05 -4.73
C GLY B 68 -3.32 11.82 -4.75
N VAL B 69 -4.59 12.03 -4.39
CA VAL B 69 -5.55 10.92 -4.38
C VAL B 69 -5.89 10.44 -5.80
N LEU B 70 -5.99 11.37 -6.73
CA LEU B 70 -6.17 11.00 -8.16
C LEU B 70 -5.00 10.17 -8.68
N GLY B 71 -3.79 10.58 -8.31
CA GLY B 71 -2.60 9.79 -8.62
C GLY B 71 -2.65 8.44 -7.95
N GLY B 72 -3.03 8.40 -6.66
CA GLY B 72 -3.18 7.13 -5.94
C GLY B 72 -4.17 6.20 -6.68
N ASP B 73 -5.28 6.77 -7.11
CA ASP B 73 -6.27 6.02 -7.87
C ASP B 73 -5.69 5.47 -9.19
N ALA B 74 -4.87 6.26 -9.91
CA ALA B 74 -4.26 5.79 -11.16
C ALA B 74 -3.29 4.65 -10.90
N ILE B 75 -2.56 4.71 -9.77
CA ILE B 75 -1.69 3.62 -9.37
C ILE B 75 -2.51 2.35 -9.09
N ALA B 76 -3.61 2.49 -8.35
CA ALA B 76 -4.48 1.34 -8.02
C ALA B 76 -5.07 0.74 -9.28
N ARG B 77 -5.39 1.58 -10.26
CA ARG B 77 -5.90 1.14 -11.58
C ARG B 77 -4.86 0.43 -12.42
N GLY B 78 -3.61 0.42 -11.96
CA GLY B 78 -2.52 -0.17 -12.70
C GLY B 78 -2.09 0.65 -13.92
N GLU B 79 -2.48 1.94 -13.97
CA GLU B 79 -2.17 2.82 -15.09
C GLU B 79 -0.77 3.43 -14.99
N ILE B 80 -0.35 3.69 -13.76
CA ILE B 80 0.99 4.21 -13.48
C ILE B 80 1.62 3.49 -12.28
N LYS B 81 2.93 3.63 -12.16
CA LYS B 81 3.67 3.23 -10.96
C LYS B 81 4.55 4.40 -10.53
N LEU B 82 4.71 4.56 -9.23
CA LEU B 82 5.48 5.69 -8.70
C LEU B 82 6.96 5.44 -8.96
N SER B 83 7.31 4.17 -9.24
CA SER B 83 8.70 3.82 -9.53
C SER B 83 9.07 4.13 -10.96
N ASP B 84 8.09 4.44 -11.79
CA ASP B 84 8.38 4.70 -13.21
C ASP B 84 9.03 6.06 -13.48
N PRO B 85 9.97 6.09 -14.44
CA PRO B 85 10.62 7.31 -14.91
C PRO B 85 9.59 8.30 -15.41
N THR B 86 9.84 9.57 -15.15
CA THR B 86 9.01 10.66 -15.65
C THR B 86 8.89 10.53 -17.18
N THR B 87 9.99 10.16 -17.82
CA THR B 87 10.02 10.10 -19.30
C THR B 87 9.13 9.01 -19.91
N LYS B 88 8.76 8.01 -19.12
CA LYS B 88 7.83 6.98 -19.61
C LYS B 88 6.50 7.56 -20.07
N TYR B 89 6.02 8.58 -19.35
CA TYR B 89 4.74 9.19 -19.64
C TYR B 89 4.88 10.53 -20.37
N TRP B 90 6.11 11.04 -20.49
CA TRP B 90 6.38 12.21 -21.34
C TRP B 90 7.60 11.89 -22.19
N PRO B 91 7.41 11.09 -23.25
CA PRO B 91 8.56 10.66 -24.05
C PRO B 91 9.38 11.79 -24.69
N GLU B 92 8.78 12.97 -24.94
CA GLU B 92 9.53 14.17 -25.39
C GLU B 92 10.49 14.80 -24.33
N LEU B 93 10.31 14.43 -23.07
CA LEU B 93 11.19 14.91 -22.02
C LEU B 93 12.48 14.08 -21.99
N THR B 94 13.40 14.42 -22.87
CA THR B 94 14.52 13.52 -23.14
C THR B 94 15.83 13.95 -22.51
N ALA B 95 15.87 15.16 -21.94
CA ALA B 95 17.14 15.69 -21.39
C ALA B 95 17.72 14.80 -20.29
N LYS B 96 19.05 14.68 -20.24
CA LYS B 96 19.69 13.68 -19.40
C LYS B 96 19.48 13.87 -17.90
N GLN B 97 19.24 15.10 -17.43
CA GLN B 97 19.01 15.34 -15.99
C GLN B 97 17.76 14.62 -15.47
N TRP B 98 16.91 14.17 -16.40
CA TRP B 98 15.65 13.52 -16.04
C TRP B 98 15.79 12.02 -15.82
N ASN B 99 16.94 11.47 -16.25
CA ASN B 99 17.23 10.07 -15.99
C ASN B 99 17.38 9.93 -14.49
N GLY B 100 16.56 9.10 -13.89
CA GLY B 100 16.64 8.94 -12.45
C GLY B 100 15.53 9.64 -11.69
N ILE B 101 14.75 10.47 -12.37
CA ILE B 101 13.66 11.19 -11.67
C ILE B 101 12.36 10.44 -11.95
N THR B 102 11.71 9.94 -10.90
CA THR B 102 10.54 9.10 -11.07
C THR B 102 9.28 9.84 -10.69
N LEU B 103 8.13 9.22 -10.91
CA LEU B 103 6.85 9.87 -10.55
C LEU B 103 6.79 10.09 -9.04
N LEU B 104 7.34 9.17 -8.28
CA LEU B 104 7.43 9.38 -6.80
C LEU B 104 8.07 10.74 -6.46
N HIS B 105 9.21 11.03 -7.09
CA HIS B 105 9.93 12.29 -6.84
C HIS B 105 9.07 13.52 -7.15
N LEU B 106 8.37 13.51 -8.30
CA LEU B 106 7.47 14.61 -8.68
C LEU B 106 6.39 14.79 -7.64
N ALA B 107 5.75 13.68 -7.24
CA ALA B 107 4.62 13.71 -6.30
C ALA B 107 4.96 14.22 -4.90
N THR B 108 6.22 14.02 -4.48
CA THR B 108 6.64 14.27 -3.10
C THR B 108 7.67 15.40 -2.97
N TYR B 109 7.86 16.14 -4.05
CA TYR B 109 8.74 17.32 -4.09
C TYR B 109 10.21 16.95 -3.89
N THR B 110 10.62 15.76 -4.29
CA THR B 110 12.00 15.35 -4.04
C THR B 110 12.78 15.14 -5.35
N ALA B 111 12.35 15.76 -6.46
CA ALA B 111 13.04 15.59 -7.75
C ALA B 111 14.41 16.24 -7.80
N GLY B 112 14.67 17.18 -6.89
CA GLY B 112 15.99 17.80 -6.79
C GLY B 112 15.94 19.28 -7.02
N GLY B 113 14.87 19.91 -6.54
CA GLY B 113 14.77 21.36 -6.59
C GLY B 113 14.00 22.00 -7.75
N LEU B 114 12.98 21.32 -8.29
CA LEU B 114 12.03 21.96 -9.16
C LEU B 114 11.41 23.17 -8.41
N PRO B 115 11.18 24.30 -9.10
CA PRO B 115 10.85 25.57 -8.42
C PRO B 115 9.43 25.66 -7.88
N LEU B 116 9.26 26.50 -6.86
CA LEU B 116 7.97 26.66 -6.17
C LEU B 116 6.88 26.93 -7.19
N GLN B 117 7.16 27.81 -8.14
CA GLN B 117 6.18 28.16 -9.15
C GLN B 117 6.76 27.90 -10.53
N VAL B 118 5.91 27.50 -11.45
CA VAL B 118 6.23 27.58 -12.86
C VAL B 118 6.27 29.08 -13.19
N PRO B 119 7.32 29.53 -13.89
CA PRO B 119 7.37 30.94 -14.32
C PRO B 119 6.09 31.42 -15.02
N ASP B 120 5.69 32.65 -14.73
CA ASP B 120 4.46 33.22 -15.27
C ASP B 120 4.39 33.24 -16.80
N GLU B 121 5.55 33.39 -17.44
CA GLU B 121 5.64 33.50 -18.90
C GLU B 121 5.40 32.15 -19.58
N VAL B 122 5.43 31.07 -18.80
CA VAL B 122 5.20 29.75 -19.37
C VAL B 122 3.70 29.57 -19.45
N LYS B 123 3.20 29.35 -20.65
CA LYS B 123 1.76 29.16 -20.85
C LYS B 123 1.44 27.87 -21.60
N SER B 124 2.01 27.78 -22.80
CA SER B 124 1.67 26.72 -23.75
C SER B 124 2.33 25.39 -23.42
N SER B 125 1.85 24.35 -24.08
CA SER B 125 2.49 23.03 -24.02
C SER B 125 3.95 23.11 -24.38
N SER B 126 4.25 23.83 -25.47
CA SER B 126 5.61 23.98 -25.94
CA SER B 126 5.61 23.99 -25.95
C SER B 126 6.50 24.73 -24.95
N ASP B 127 5.96 25.78 -24.32
CA ASP B 127 6.71 26.54 -23.28
C ASP B 127 7.06 25.65 -22.11
N LEU B 128 6.11 24.78 -21.77
CA LEU B 128 6.23 23.91 -20.62
C LEU B 128 7.32 22.86 -20.85
N LEU B 129 7.31 22.26 -22.03
CA LEU B 129 8.36 21.31 -22.38
C LEU B 129 9.71 22.00 -22.29
N ARG B 130 9.83 23.19 -22.86
CA ARG B 130 11.13 23.88 -22.86
C ARG B 130 11.57 24.15 -21.41
N PHE B 131 10.63 24.60 -20.58
CA PHE B 131 10.93 24.87 -19.17
C PHE B 131 11.53 23.64 -18.47
N TYR B 132 10.86 22.48 -18.54
CA TYR B 132 11.38 21.25 -17.90
C TYR B 132 12.65 20.70 -18.59
N GLN B 133 12.74 20.80 -19.92
CA GLN B 133 13.98 20.36 -20.61
C GLN B 133 15.19 21.19 -20.23
N ASN B 134 14.97 22.45 -19.87
CA ASN B 134 16.05 23.39 -19.52
C ASN B 134 16.36 23.43 -18.02
N TRP B 135 15.48 22.86 -17.21
CA TRP B 135 15.67 22.90 -15.75
C TRP B 135 16.86 22.06 -15.33
N GLN B 136 17.71 22.64 -14.47
CA GLN B 136 18.89 21.97 -13.96
C GLN B 136 18.76 21.82 -12.44
N PRO B 137 18.86 20.59 -11.94
CA PRO B 137 18.64 20.33 -10.52
C PRO B 137 19.63 20.94 -9.52
N ALA B 138 19.12 21.32 -8.36
CA ALA B 138 19.99 21.79 -7.26
C ALA B 138 20.61 20.63 -6.46
N TRP B 139 19.97 19.45 -6.48
CA TRP B 139 20.41 18.27 -5.75
C TRP B 139 20.05 17.03 -6.53
N ALA B 140 20.64 15.90 -6.15
CA ALA B 140 20.30 14.60 -6.78
C ALA B 140 18.87 14.28 -6.39
N PRO B 141 18.22 13.41 -7.17
CA PRO B 141 16.85 13.04 -6.85
C PRO B 141 16.78 12.25 -5.53
N GLY B 142 15.66 12.39 -4.82
CA GLY B 142 15.43 11.63 -3.60
C GLY B 142 16.33 12.01 -2.43
N THR B 143 16.81 13.26 -2.40
CA THR B 143 17.69 13.71 -1.29
C THR B 143 17.14 14.87 -0.46
N GLN B 144 16.42 15.79 -1.11
CA GLN B 144 15.94 17.02 -0.47
C GLN B 144 14.51 17.22 -0.88
N ARG B 145 13.65 17.61 0.08
CA ARG B 145 12.27 17.96 -0.22
C ARG B 145 12.16 19.48 -0.38
N LEU B 146 11.64 19.96 -1.51
CA LEU B 146 11.47 21.39 -1.70
C LEU B 146 10.06 21.58 -2.25
N TYR B 147 9.15 22.05 -1.40
CA TYR B 147 7.75 22.23 -1.81
C TYR B 147 7.65 22.97 -3.14
N ALA B 148 6.88 22.41 -4.09
CA ALA B 148 6.91 22.94 -5.46
C ALA B 148 5.66 22.62 -6.24
N ASN B 149 4.99 23.65 -6.76
CA ASN B 149 3.90 23.44 -7.74
C ASN B 149 4.37 22.81 -9.04
N SER B 150 5.57 23.18 -9.49
CA SER B 150 6.13 22.63 -10.72
C SER B 150 6.41 21.13 -10.58
N SER B 151 6.44 20.62 -9.36
CA SER B 151 6.71 19.20 -9.12
C SER B 151 5.41 18.41 -9.13
N ILE B 152 4.56 18.66 -8.15
CA ILE B 152 3.31 17.88 -8.04
C ILE B 152 2.38 18.22 -9.20
N GLY B 153 2.47 19.47 -9.71
CA GLY B 153 1.71 19.87 -10.92
C GLY B 153 2.05 18.96 -12.09
N LEU B 154 3.35 18.69 -12.29
CA LEU B 154 3.76 17.76 -13.36
C LEU B 154 3.32 16.32 -13.05
N PHE B 155 3.48 15.88 -11.81
CA PHE B 155 2.92 14.58 -11.44
C PHE B 155 1.43 14.43 -11.86
N GLY B 156 0.61 15.42 -11.51
CA GLY B 156 -0.81 15.33 -11.83
C GLY B 156 -1.06 15.20 -13.32
N ALA B 157 -0.34 15.99 -14.09
CA ALA B 157 -0.54 16.03 -15.53
C ALA B 157 -0.13 14.69 -16.15
N LEU B 158 0.97 14.14 -15.69
CA LEU B 158 1.43 12.83 -16.14
C LEU B 158 0.61 11.65 -15.65
N ALA B 159 0.12 11.71 -14.40
CA ALA B 159 -0.66 10.61 -13.81
C ALA B 159 -1.87 10.21 -14.68
N VAL B 160 -2.47 11.20 -15.32
CA VAL B 160 -3.72 11.00 -16.09
C VAL B 160 -3.48 10.63 -17.59
N LYS B 161 -2.23 10.71 -18.04
CA LYS B 161 -1.89 10.43 -19.45
C LYS B 161 -2.33 9.02 -19.91
N PRO B 162 -1.98 7.96 -19.16
CA PRO B 162 -2.45 6.64 -19.65
C PRO B 162 -3.96 6.49 -19.84
N SER B 163 -4.75 7.19 -19.01
CA SER B 163 -6.21 7.11 -19.09
C SER B 163 -6.76 7.77 -20.34
N GLY B 164 -5.96 8.68 -20.91
CA GLY B 164 -6.39 9.44 -22.07
C GLY B 164 -7.29 10.62 -21.72
N LEU B 165 -7.73 10.71 -20.46
CA LEU B 165 -8.63 11.80 -20.04
C LEU B 165 -7.86 13.09 -19.75
N SER B 166 -8.53 14.24 -19.90
CA SER B 166 -7.97 15.50 -19.41
C SER B 166 -7.87 15.43 -17.88
N PHE B 167 -7.03 16.27 -17.30
CA PHE B 167 -6.93 16.27 -15.83
C PHE B 167 -8.28 16.56 -15.20
N GLU B 168 -8.99 17.58 -15.70
CA GLU B 168 -10.29 17.95 -15.14
C GLU B 168 -11.30 16.80 -15.27
N GLN B 169 -11.32 16.15 -16.42
CA GLN B 169 -12.26 15.01 -16.55
C GLN B 169 -11.91 13.80 -15.69
N ALA B 170 -10.63 13.50 -15.55
CA ALA B 170 -10.22 12.42 -14.67
C ALA B 170 -10.65 12.76 -13.23
N MET B 171 -10.35 13.97 -12.79
CA MET B 171 -10.70 14.40 -11.41
C MET B 171 -12.20 14.36 -11.18
N GLN B 172 -12.99 14.89 -12.13
CA GLN B 172 -14.43 14.89 -11.98
C GLN B 172 -14.97 13.48 -11.87
N THR B 173 -14.56 12.61 -12.80
CA THR B 173 -15.22 11.31 -12.93
C THR B 173 -14.68 10.26 -11.97
N ARG B 174 -13.43 10.41 -11.53
CA ARG B 174 -12.80 9.40 -10.72
C ARG B 174 -12.75 9.76 -9.24
N VAL B 175 -12.87 11.05 -8.92
CA VAL B 175 -12.76 11.50 -7.54
C VAL B 175 -13.99 12.29 -7.09
N PHE B 176 -14.33 13.40 -7.77
CA PHE B 176 -15.45 14.24 -7.29
C PHE B 176 -16.78 13.48 -7.30
N GLN B 177 -17.08 12.86 -8.44
CA GLN B 177 -18.37 12.16 -8.63
C GLN B 177 -18.57 10.95 -7.70
N PRO B 178 -17.62 10.02 -7.66
CA PRO B 178 -17.85 8.91 -6.75
C PRO B 178 -18.05 9.32 -5.30
N LEU B 179 -17.47 10.44 -4.89
CA LEU B 179 -17.55 10.89 -3.49
C LEU B 179 -18.69 11.83 -3.28
N LYS B 180 -19.44 12.08 -4.36
CA LYS B 180 -20.63 12.93 -4.34
C LYS B 180 -20.28 14.36 -3.92
N LEU B 181 -19.17 14.86 -4.47
CA LEU B 181 -18.76 16.25 -4.29
C LEU B 181 -19.34 17.05 -5.44
N ASN B 182 -20.63 17.38 -5.29
CA ASN B 182 -21.47 17.93 -6.37
C ASN B 182 -21.35 19.43 -6.59
N HIS B 183 -20.55 20.08 -5.75
CA HIS B 183 -20.32 21.53 -5.84
C HIS B 183 -18.83 21.84 -5.75
N THR B 184 -18.03 20.98 -6.35
CA THR B 184 -16.58 21.09 -6.35
C THR B 184 -16.13 21.11 -7.81
N TRP B 185 -15.27 22.05 -8.14
CA TRP B 185 -14.92 22.37 -9.53
C TRP B 185 -13.49 22.86 -9.70
N ILE B 186 -12.87 22.45 -10.79
CA ILE B 186 -11.61 23.04 -11.23
C ILE B 186 -11.92 24.32 -12.05
N ASN B 187 -12.92 24.21 -12.92
CA ASN B 187 -13.47 25.35 -13.65
C ASN B 187 -14.92 25.56 -13.24
N VAL B 188 -15.19 26.67 -12.57
CA VAL B 188 -16.51 26.95 -11.99
C VAL B 188 -17.45 27.31 -13.15
N PRO B 189 -18.54 26.54 -13.33
CA PRO B 189 -19.44 26.75 -14.48
C PRO B 189 -20.33 27.97 -14.24
N PRO B 190 -20.93 28.55 -15.32
CA PRO B 190 -21.80 29.72 -15.12
C PRO B 190 -22.90 29.54 -14.05
N ALA B 191 -23.48 28.33 -13.94
CA ALA B 191 -24.52 28.06 -12.92
C ALA B 191 -24.05 28.25 -11.47
N GLU B 192 -22.74 28.13 -11.23
CA GLU B 192 -22.22 28.25 -9.86
C GLU B 192 -21.61 29.61 -9.57
N GLU B 193 -21.51 30.48 -10.56
CA GLU B 193 -20.82 31.75 -10.36
C GLU B 193 -21.44 32.56 -9.22
N LYS B 194 -22.78 32.55 -9.12
CA LYS B 194 -23.51 33.24 -8.05
C LYS B 194 -23.06 32.76 -6.65
N ASN B 195 -22.57 31.52 -6.57
CA ASN B 195 -22.06 30.95 -5.33
C ASN B 195 -20.54 31.08 -5.11
N TYR B 196 -19.80 31.53 -6.12
CA TYR B 196 -18.35 31.56 -6.02
C TYR B 196 -17.95 32.80 -5.24
N ALA B 197 -17.48 32.63 -4.00
CA ALA B 197 -17.00 33.77 -3.20
C ALA B 197 -15.93 34.60 -3.93
N TRP B 198 -15.86 35.89 -3.63
CA TRP B 198 -14.68 36.69 -3.93
C TRP B 198 -13.61 36.50 -2.86
N GLY B 199 -12.35 36.44 -3.31
CA GLY B 199 -11.20 36.52 -2.40
C GLY B 199 -10.91 38.00 -2.18
N TYR B 200 -10.25 38.31 -1.06
CA TYR B 200 -9.93 39.69 -0.70
C TYR B 200 -8.46 39.82 -0.36
N ARG B 201 -7.77 40.65 -1.14
CA ARG B 201 -6.37 40.92 -0.95
C ARG B 201 -6.20 42.43 -0.92
N GLU B 202 -5.83 42.95 0.25
CA GLU B 202 -5.73 44.40 0.51
C GLU B 202 -6.99 45.12 0.05
N GLY B 203 -8.14 44.59 0.49
CA GLY B 203 -9.45 45.21 0.21
C GLY B 203 -10.03 44.94 -1.17
N LYS B 204 -9.23 44.47 -2.12
CA LYS B 204 -9.67 44.27 -3.49
C LYS B 204 -10.22 42.85 -3.72
N ALA B 205 -11.34 42.74 -4.43
CA ALA B 205 -11.95 41.43 -4.72
C ALA B 205 -11.18 40.75 -5.86
N VAL B 206 -10.73 39.52 -5.63
CA VAL B 206 -9.85 38.82 -6.59
C VAL B 206 -10.17 37.34 -6.67
N HIS B 207 -10.02 36.79 -7.88
CA HIS B 207 -10.04 35.35 -8.08
C HIS B 207 -8.66 34.94 -8.62
N VAL B 208 -8.36 33.67 -8.42
CA VAL B 208 -7.08 33.09 -8.84
C VAL B 208 -6.89 33.30 -10.36
N SER B 209 -5.67 33.62 -10.78
CA SER B 209 -5.33 33.87 -12.19
C SER B 209 -4.97 32.55 -12.88
N PRO B 210 -5.28 32.41 -14.19
CA PRO B 210 -4.83 31.26 -14.99
C PRO B 210 -3.30 31.10 -14.90
N GLY B 211 -2.83 29.87 -15.04
CA GLY B 211 -1.40 29.61 -14.96
C GLY B 211 -1.14 28.19 -15.42
N ALA B 212 0.07 27.94 -15.88
CA ALA B 212 0.47 26.59 -16.28
C ALA B 212 0.34 25.67 -15.07
N LEU B 213 -0.24 24.50 -15.31
CA LEU B 213 -0.41 23.47 -14.28
C LEU B 213 -1.22 23.98 -13.07
N ASP B 214 -2.07 24.99 -13.31
CA ASP B 214 -2.92 25.49 -12.22
C ASP B 214 -3.92 24.46 -11.71
N ALA B 215 -4.62 23.79 -12.62
CA ALA B 215 -5.60 22.75 -12.23
C ALA B 215 -4.94 21.77 -11.30
N GLU B 216 -3.72 21.34 -11.67
CA GLU B 216 -3.02 20.26 -10.98
C GLU B 216 -2.46 20.60 -9.62
N ALA B 217 -2.10 21.87 -9.40
CA ALA B 217 -1.38 22.30 -8.20
C ALA B 217 -2.20 23.16 -7.23
N TYR B 218 -3.14 23.95 -7.75
CA TYR B 218 -3.91 24.87 -6.91
C TYR B 218 -5.28 25.18 -7.52
N GLY B 219 -5.85 24.23 -8.26
CA GLY B 219 -7.00 24.59 -9.09
C GLY B 219 -8.41 24.34 -8.57
N VAL B 220 -8.56 23.78 -7.38
CA VAL B 220 -9.90 23.35 -6.98
C VAL B 220 -10.65 24.46 -6.21
N LYS B 221 -11.96 24.59 -6.47
CA LYS B 221 -12.87 25.47 -5.71
C LYS B 221 -13.94 24.53 -5.16
N SER B 222 -14.30 24.70 -3.89
CA SER B 222 -15.23 23.76 -3.24
C SER B 222 -16.02 24.44 -2.10
N THR B 223 -17.06 23.77 -1.63
CA THR B 223 -17.94 24.31 -0.60
C THR B 223 -17.55 23.67 0.73
N ILE B 224 -18.04 24.23 1.84
CA ILE B 224 -17.74 23.65 3.14
C ILE B 224 -18.36 22.24 3.27
N GLU B 225 -19.54 22.04 2.70
CA GLU B 225 -20.18 20.70 2.75
C GLU B 225 -19.38 19.66 1.96
N ASP B 226 -18.99 20.00 0.75
CA ASP B 226 -18.15 19.08 -0.02
C ASP B 226 -16.80 18.82 0.66
N MET B 227 -16.21 19.83 1.29
CA MET B 227 -14.95 19.63 1.95
C MET B 227 -15.10 18.77 3.20
N ALA B 228 -16.25 18.86 3.86
CA ALA B 228 -16.53 17.96 4.99
C ALA B 228 -16.60 16.51 4.52
N ARG B 229 -17.19 16.28 3.34
CA ARG B 229 -17.28 14.93 2.75
C ARG B 229 -15.89 14.44 2.33
N TRP B 230 -15.08 15.34 1.81
CA TRP B 230 -13.68 15.04 1.48
C TRP B 230 -12.94 14.55 2.76
N VAL B 231 -13.08 15.26 3.88
CA VAL B 231 -12.46 14.77 5.15
C VAL B 231 -12.98 13.39 5.56
N GLN B 232 -14.30 13.21 5.52
CA GLN B 232 -14.90 11.94 5.90
C GLN B 232 -14.34 10.81 5.08
N SER B 233 -14.16 11.05 3.78
CA SER B 233 -13.65 10.04 2.85
C SER B 233 -12.21 9.68 3.14
N ASN B 234 -11.41 10.68 3.55
CA ASN B 234 -10.02 10.43 3.88
C ASN B 234 -9.84 9.90 5.30
N LEU B 235 -10.76 10.23 6.19
CA LEU B 235 -10.83 9.64 7.53
C LEU B 235 -11.11 8.13 7.51
N LYS B 236 -12.02 7.72 6.64
CA LYS B 236 -12.54 6.34 6.60
C LYS B 236 -12.64 5.86 5.16
N PRO B 237 -11.51 5.59 4.48
CA PRO B 237 -11.55 5.16 3.07
C PRO B 237 -12.25 3.81 2.82
N LEU B 238 -12.38 2.98 3.85
CA LEU B 238 -13.04 1.68 3.70
C LEU B 238 -14.55 1.79 3.47
N ASP B 239 -15.11 2.96 3.73
CA ASP B 239 -16.53 3.16 3.44
C ASP B 239 -16.81 3.50 1.98
N ILE B 240 -15.74 3.60 1.18
CA ILE B 240 -15.87 3.99 -0.22
C ILE B 240 -16.04 2.77 -1.11
N ASN B 241 -17.12 2.75 -1.87
CA ASN B 241 -17.45 1.57 -2.69
C ASN B 241 -16.52 1.33 -3.88
N GLU B 242 -15.98 2.40 -4.46
CA GLU B 242 -15.09 2.29 -5.63
C GLU B 242 -13.73 1.82 -5.15
N LYS B 243 -13.38 0.59 -5.56
CA LYS B 243 -12.21 -0.10 -5.06
C LYS B 243 -10.93 0.69 -5.28
N THR B 244 -10.72 1.16 -6.51
CA THR B 244 -9.44 1.83 -6.77
C THR B 244 -9.36 3.18 -6.04
N LEU B 245 -10.48 3.86 -5.84
CA LEU B 245 -10.44 5.17 -5.15
C LEU B 245 -10.14 4.95 -3.67
N GLN B 246 -10.76 3.91 -3.10
CA GLN B 246 -10.47 3.47 -1.75
C GLN B 246 -8.97 3.25 -1.54
N GLN B 247 -8.35 2.51 -2.46
CA GLN B 247 -6.93 2.24 -2.41
C GLN B 247 -6.10 3.53 -2.66
N GLY B 248 -6.58 4.39 -3.55
CA GLY B 248 -5.90 5.63 -3.87
C GLY B 248 -5.80 6.56 -2.68
N ILE B 249 -6.88 6.66 -1.92
CA ILE B 249 -6.88 7.45 -0.67
C ILE B 249 -5.86 6.89 0.34
N GLN B 250 -5.87 5.57 0.52
CA GLN B 250 -4.88 4.89 1.36
C GLN B 250 -3.44 5.13 0.86
N LEU B 251 -3.19 5.09 -0.45
CA LEU B 251 -1.84 5.34 -0.99
C LEU B 251 -1.37 6.80 -0.74
N ALA B 252 -2.31 7.74 -0.75
CA ALA B 252 -1.97 9.17 -0.57
C ALA B 252 -1.56 9.46 0.88
N GLN B 253 -2.03 8.63 1.82
CA GLN B 253 -1.61 8.74 3.22
C GLN B 253 -0.48 7.80 3.62
N SER B 254 0.11 7.08 2.66
CA SER B 254 1.33 6.30 2.97
C SER B 254 2.49 7.26 3.32
N ARG B 255 3.43 6.83 4.16
CA ARG B 255 4.57 7.70 4.50
C ARG B 255 5.74 7.32 3.59
N TYR B 256 6.10 8.23 2.67
CA TYR B 256 7.17 8.00 1.72
C TYR B 256 8.55 8.52 2.14
N TRP B 257 8.58 9.67 2.80
CA TRP B 257 9.78 10.34 3.23
C TRP B 257 9.53 10.90 4.61
N GLN B 258 10.61 11.04 5.38
CA GLN B 258 10.53 11.70 6.66
C GLN B 258 11.52 12.85 6.69
N THR B 259 11.07 13.99 7.19
CA THR B 259 11.92 15.12 7.51
C THR B 259 11.45 15.60 8.91
N GLY B 260 12.33 15.46 9.90
CA GLY B 260 12.00 15.84 11.27
C GLY B 260 10.91 14.94 11.83
N ASP B 261 9.85 15.54 12.38
CA ASP B 261 8.70 14.75 12.81
C ASP B 261 7.60 14.67 11.75
N MET B 262 7.91 15.09 10.51
CA MET B 262 6.90 15.15 9.43
C MET B 262 7.10 14.06 8.36
N TYR B 263 6.00 13.53 7.84
CA TYR B 263 6.10 12.48 6.83
C TYR B 263 5.35 12.98 5.60
N GLN B 264 5.90 12.74 4.43
CA GLN B 264 5.29 13.22 3.19
C GLN B 264 4.47 12.08 2.57
N GLY B 265 3.19 12.34 2.29
CA GLY B 265 2.32 11.41 1.54
C GLY B 265 2.21 11.98 0.13
N LEU B 266 1.10 11.69 -0.57
CA LEU B 266 0.89 12.25 -1.91
C LEU B 266 -0.11 13.39 -1.67
N GLY B 267 0.37 14.62 -1.66
CA GLY B 267 -0.50 15.73 -1.31
C GLY B 267 -0.56 15.90 0.20
N TRP B 268 -1.11 14.92 0.90
CA TRP B 268 -1.20 14.99 2.35
C TRP B 268 0.19 14.98 2.99
N GLU B 269 0.29 15.63 4.14
CA GLU B 269 1.43 15.52 5.04
C GLU B 269 0.94 14.97 6.37
N MET B 270 1.82 14.26 7.09
CA MET B 270 1.37 13.52 8.27
C MET B 270 2.38 13.62 9.39
N LEU B 271 1.90 13.56 10.63
CA LEU B 271 2.77 13.42 11.79
C LEU B 271 2.12 12.39 12.71
N ASP B 272 2.93 11.72 13.54
CA ASP B 272 2.34 10.86 14.54
C ASP B 272 1.50 11.58 15.56
N TRP B 273 0.38 10.97 15.95
CA TRP B 273 -0.49 11.53 16.98
C TRP B 273 -0.19 10.83 18.33
N PRO B 274 -0.06 11.60 19.43
CA PRO B 274 -0.24 13.04 19.62
C PRO B 274 0.96 13.79 19.08
N VAL B 275 0.71 15.00 18.60
CA VAL B 275 1.76 15.85 18.07
C VAL B 275 2.12 16.89 19.09
N ASN B 276 3.30 17.49 18.91
CA ASN B 276 3.60 18.73 19.61
C ASN B 276 3.01 19.89 18.81
N PRO B 277 2.02 20.61 19.39
CA PRO B 277 1.35 21.68 18.67
C PRO B 277 2.32 22.76 18.19
N ASP B 278 3.30 23.12 19.01
CA ASP B 278 4.29 24.13 18.60
C ASP B 278 5.05 23.68 17.36
N SER B 279 5.24 22.38 17.22
CA SER B 279 5.88 21.82 16.04
C SER B 279 5.10 22.06 14.76
N ILE B 280 3.82 21.70 14.73
CA ILE B 280 3.01 21.96 13.53
C ILE B 280 2.68 23.43 13.34
N ILE B 281 2.46 24.15 14.45
CA ILE B 281 2.18 25.59 14.36
C ILE B 281 3.38 26.32 13.76
N ASN B 282 4.55 26.20 14.39
CA ASN B 282 5.71 26.90 13.89
C ASN B 282 6.15 26.39 12.53
N GLY B 283 6.05 25.07 12.33
CA GLY B 283 6.46 24.44 11.08
C GLY B 283 5.62 24.83 9.89
N SER B 284 4.43 25.40 10.15
CA SER B 284 3.56 25.79 9.04
C SER B 284 3.87 27.18 8.47
N ASP B 285 4.69 27.95 9.17
CA ASP B 285 5.16 29.23 8.68
C ASP B 285 5.92 28.99 7.38
N ASN B 286 5.60 29.76 6.34
CA ASN B 286 6.24 29.56 5.03
C ASN B 286 7.78 29.64 5.01
N LYS B 287 8.36 30.34 5.99
CA LYS B 287 9.84 30.34 6.09
C LYS B 287 10.44 28.94 6.34
N ILE B 288 9.67 28.08 7.01
CA ILE B 288 10.05 26.68 7.22
C ILE B 288 9.43 25.80 6.14
N ALA B 289 8.11 25.95 5.92
CA ALA B 289 7.38 24.99 5.09
C ALA B 289 7.85 25.02 3.62
N LEU B 290 8.34 26.18 3.18
CA LEU B 290 8.81 26.33 1.78
C LEU B 290 10.32 26.15 1.62
N ALA B 291 11.02 25.87 2.71
CA ALA B 291 12.47 25.68 2.69
C ALA B 291 12.87 24.25 2.30
N ALA B 292 14.01 24.11 1.61
CA ALA B 292 14.55 22.78 1.35
C ALA B 292 14.91 22.07 2.66
N ARG B 293 14.59 20.78 2.78
CA ARG B 293 14.97 19.96 3.95
C ARG B 293 15.39 18.58 3.47
N PRO B 294 16.43 17.99 4.12
CA PRO B 294 16.84 16.64 3.75
C PRO B 294 15.78 15.61 4.10
N VAL B 295 15.61 14.62 3.25
CA VAL B 295 14.63 13.58 3.53
C VAL B 295 15.30 12.26 3.73
N LYS B 296 14.74 11.45 4.62
CA LYS B 296 15.10 10.05 4.70
C LYS B 296 14.01 9.23 4.05
N ALA B 297 14.40 8.36 3.10
CA ALA B 297 13.46 7.46 2.43
C ALA B 297 12.93 6.50 3.46
N ILE B 298 11.63 6.21 3.38
CA ILE B 298 11.03 5.18 4.19
C ILE B 298 10.86 3.98 3.27
N THR B 299 11.73 2.97 3.46
CA THR B 299 11.92 1.90 2.47
C THR B 299 11.53 0.56 3.08
N PRO B 300 10.35 0.06 2.76
CA PRO B 300 9.33 0.64 1.86
C PRO B 300 8.36 1.57 2.61
N PRO B 301 7.50 2.30 1.88
CA PRO B 301 6.58 3.27 2.53
C PRO B 301 5.68 2.65 3.57
N THR B 302 5.47 3.37 4.67
CA THR B 302 4.60 2.85 5.73
C THR B 302 3.15 3.06 5.31
N PRO B 303 2.32 2.00 5.35
CA PRO B 303 0.92 2.21 4.98
C PRO B 303 0.32 3.21 5.91
N ALA B 304 -0.74 3.86 5.46
CA ALA B 304 -1.45 4.85 6.28
C ALA B 304 -1.60 4.51 7.79
N VAL B 305 -1.08 5.40 8.63
CA VAL B 305 -1.12 5.18 10.06
C VAL B 305 -2.39 5.83 10.63
N ARG B 306 -3.25 5.04 11.27
CA ARG B 306 -4.46 5.60 11.87
C ARG B 306 -4.18 6.68 12.93
N ALA B 307 -3.19 6.48 13.77
CA ALA B 307 -2.87 7.46 14.79
C ALA B 307 -1.91 8.53 14.21
N SER B 308 -2.48 9.35 13.32
CA SER B 308 -1.76 10.46 12.67
C SER B 308 -2.54 11.75 12.73
N TRP B 309 -1.81 12.86 12.76
CA TRP B 309 -2.40 14.14 12.45
C TRP B 309 -2.10 14.30 10.94
N VAL B 310 -3.15 14.37 10.12
CA VAL B 310 -2.97 14.40 8.66
C VAL B 310 -3.51 15.76 8.28
N HIS B 311 -2.74 16.54 7.51
CA HIS B 311 -3.13 17.92 7.25
C HIS B 311 -2.59 18.53 5.95
N LYS B 312 -3.15 19.67 5.57
CA LYS B 312 -2.66 20.48 4.42
C LYS B 312 -3.15 21.91 4.58
N THR B 313 -2.23 22.89 4.48
CA THR B 313 -2.58 24.30 4.34
C THR B 313 -2.72 24.65 2.84
N GLY B 314 -3.49 25.68 2.53
CA GLY B 314 -3.60 26.12 1.12
C GLY B 314 -3.99 27.57 1.07
N ALA B 315 -3.51 28.30 0.04
CA ALA B 315 -3.87 29.71 -0.11
C ALA B 315 -3.92 30.07 -1.57
N THR B 316 -4.66 31.10 -1.89
CA THR B 316 -4.46 31.82 -3.14
C THR B 316 -4.27 33.30 -2.73
N GLY B 317 -4.20 34.21 -3.70
CA GLY B 317 -4.06 35.63 -3.41
C GLY B 317 -5.15 36.15 -2.49
N GLY B 318 -6.36 35.65 -2.70
CA GLY B 318 -7.51 36.12 -1.94
C GLY B 318 -8.08 35.12 -0.92
N PHE B 319 -7.47 33.92 -0.77
CA PHE B 319 -8.09 32.88 0.11
C PHE B 319 -7.08 32.16 1.03
N GLY B 320 -7.58 31.61 2.14
CA GLY B 320 -6.74 30.84 3.05
C GLY B 320 -7.56 29.65 3.50
N SER B 321 -7.01 28.44 3.34
CA SER B 321 -7.69 27.21 3.74
CA SER B 321 -7.69 27.21 3.76
C SER B 321 -6.79 26.31 4.61
N TYR B 322 -7.41 25.44 5.41
CA TYR B 322 -6.68 24.45 6.20
C TYR B 322 -7.60 23.26 6.39
N VAL B 323 -7.03 22.06 6.28
CA VAL B 323 -7.73 20.80 6.62
C VAL B 323 -6.85 19.95 7.55
N ALA B 324 -7.38 19.40 8.63
CA ALA B 324 -6.57 18.49 9.48
C ALA B 324 -7.51 17.41 10.00
N PHE B 325 -7.04 16.18 10.04
CA PHE B 325 -7.83 15.08 10.64
C PHE B 325 -7.00 14.02 11.31
N ILE B 326 -7.65 13.27 12.20
CA ILE B 326 -6.99 12.19 12.94
C ILE B 326 -7.83 10.93 12.72
N PRO B 327 -7.39 10.03 11.82
CA PRO B 327 -8.22 8.86 11.47
C PRO B 327 -8.67 8.01 12.64
N GLU B 328 -7.76 7.72 13.58
CA GLU B 328 -8.07 6.86 14.72
C GLU B 328 -9.24 7.37 15.55
N LYS B 329 -9.39 8.70 15.62
CA LYS B 329 -10.44 9.33 16.42
C LYS B 329 -11.68 9.75 15.66
N GLU B 330 -11.69 9.57 14.33
CA GLU B 330 -12.82 10.00 13.52
C GLU B 330 -13.13 11.51 13.69
N LEU B 331 -12.06 12.29 13.74
CA LEU B 331 -12.12 13.69 14.13
C LEU B 331 -11.44 14.51 13.01
N GLY B 332 -12.07 15.59 12.55
CA GLY B 332 -11.42 16.43 11.52
C GLY B 332 -11.93 17.84 11.52
N ILE B 333 -11.26 18.73 10.77
CA ILE B 333 -11.73 20.09 10.67
C ILE B 333 -11.35 20.61 9.28
N VAL B 334 -12.21 21.43 8.71
CA VAL B 334 -11.91 22.21 7.47
C VAL B 334 -12.19 23.66 7.80
N MET B 335 -11.26 24.57 7.48
CA MET B 335 -11.48 25.99 7.66
C MET B 335 -11.22 26.69 6.29
N LEU B 336 -12.24 27.36 5.76
CA LEU B 336 -12.16 28.07 4.44
C LEU B 336 -12.45 29.55 4.69
N ALA B 337 -11.59 30.42 4.19
CA ALA B 337 -11.69 31.85 4.39
C ALA B 337 -11.39 32.56 3.09
N ASN B 338 -12.08 33.68 2.84
CA ASN B 338 -11.77 34.48 1.66
C ASN B 338 -10.84 35.66 1.99
N LYS B 339 -9.83 35.36 2.80
CA LYS B 339 -8.60 36.16 2.95
C LYS B 339 -7.46 35.20 3.21
N ASN B 340 -6.30 35.50 2.63
CA ASN B 340 -5.09 34.73 2.88
C ASN B 340 -4.41 35.24 4.15
N TYR B 341 -4.66 34.59 5.26
CA TYR B 341 -4.08 35.02 6.52
C TYR B 341 -3.03 34.00 6.95
N PRO B 342 -2.14 34.36 7.88
CA PRO B 342 -0.95 33.52 8.13
C PRO B 342 -1.26 32.08 8.54
N ASN B 343 -0.49 31.14 8.00
CA ASN B 343 -0.65 29.70 8.24
C ASN B 343 -0.66 29.36 9.74
N PRO B 344 0.31 29.91 10.52
CA PRO B 344 0.30 29.44 11.92
C PRO B 344 -0.99 29.78 12.69
N ALA B 345 -1.65 30.88 12.33
CA ALA B 345 -2.91 31.24 12.98
C ALA B 345 -3.99 30.19 12.64
N ARG B 346 -3.95 29.67 11.41
CA ARG B 346 -4.88 28.57 11.01
C ARG B 346 -4.63 27.32 11.80
N VAL B 347 -3.37 26.90 11.89
CA VAL B 347 -3.03 25.65 12.56
C VAL B 347 -3.30 25.73 14.06
N ASP B 348 -2.96 26.88 14.65
CA ASP B 348 -3.20 27.10 16.08
C ASP B 348 -4.67 26.90 16.39
N ALA B 349 -5.52 27.55 15.59
CA ALA B 349 -6.99 27.48 15.78
C ALA B 349 -7.49 26.05 15.63
N ALA B 350 -7.07 25.35 14.57
CA ALA B 350 -7.45 23.95 14.35
C ALA B 350 -7.05 23.07 15.52
N TRP B 351 -5.82 23.26 15.99
CA TRP B 351 -5.30 22.51 17.13
C TRP B 351 -6.16 22.72 18.35
N GLN B 352 -6.47 23.98 18.67
CA GLN B 352 -7.29 24.27 19.84
C GLN B 352 -8.60 23.51 19.81
N ILE B 353 -9.24 23.51 18.65
CA ILE B 353 -10.52 22.83 18.49
C ILE B 353 -10.40 21.32 18.56
N LEU B 354 -9.54 20.71 17.75
CA LEU B 354 -9.48 19.25 17.74
C LEU B 354 -8.96 18.69 19.07
N ASN B 355 -8.05 19.42 19.71
CA ASN B 355 -7.50 18.97 21.00
C ASN B 355 -8.54 19.00 22.11
N ALA B 356 -9.46 19.96 22.05
CA ALA B 356 -10.58 20.03 23.00
C ALA B 356 -11.53 18.85 22.84
N LEU B 357 -11.68 18.37 21.61
CA LEU B 357 -12.63 17.32 21.28
C LEU B 357 -12.04 15.90 21.30
N GLN B 358 -10.71 15.81 21.27
CA GLN B 358 -10.00 14.51 21.25
C GLN B 358 -10.30 13.71 22.53
P PO4 C . 26.32 -20.14 26.27
O1 PO4 C . 26.68 -19.86 27.71
O2 PO4 C . 26.39 -21.63 26.02
O3 PO4 C . 24.90 -19.67 26.02
O4 PO4 C . 27.26 -19.42 25.34
P PO4 D . 12.12 -29.90 5.18
O1 PO4 D . 12.91 -30.15 6.44
O2 PO4 D . 11.98 -28.41 4.95
O3 PO4 D . 10.75 -30.52 5.34
O4 PO4 D . 12.81 -30.50 3.98
C4 18U E . -1.90 30.63 -6.09
C6 18U E . -2.56 31.40 -7.05
C8 18U E . -2.59 32.80 -6.93
C9 18U E . -3.32 33.69 -7.93
O10 18U E . -4.02 34.55 -7.41
O11 18U E . -3.23 33.52 -9.16
C7 18U E . -1.94 33.41 -5.85
C5 18U E . -1.28 32.65 -4.89
C3 18U E . -1.26 31.25 -5.01
C2 18U E . -0.52 30.44 -3.95
N1 18U E . -1.04 29.05 -3.89
S13 18U E . 0.20 27.99 -4.14
O16 18U E . -0.34 26.59 -4.25
O17 18U E . 0.93 28.41 -5.39
C15 18U E . 1.30 28.12 -2.79
C19 18U E . 2.60 28.39 -2.99
C22 18U E . 3.36 28.47 -1.89
S20 18U E . 2.36 28.17 -0.55
C18 18U E . 0.96 27.96 -1.44
C21 18U E . -0.37 27.64 -0.77
O24 18U E . -1.35 27.38 -1.47
O23 18U E . -0.36 27.67 0.48
#